data_1T2R
#
_entry.id   1T2R
#
_cell.length_a   1.000
_cell.length_b   1.000
_cell.length_c   1.000
_cell.angle_alpha   90.00
_cell.angle_beta   90.00
_cell.angle_gamma   90.00
#
_symmetry.space_group_name_H-M   'P 1'
#
loop_
_entity.id
_entity.type
_entity.pdbx_description
1 polymer "5'-R(*CP*UP*CP*AP*C)-3'"
2 polymer 'Argonaute 2'
#
loop_
_entity_poly.entity_id
_entity_poly.type
_entity_poly.pdbx_seq_one_letter_code
_entity_poly.pdbx_strand_id
1 'polyribonucleotide' CUCAC B
2 'polypeptide(L)'
;GAMAMPMIEYLERFSLKAKINNTTNLDYSRRFLEPFLRGINVVYTPPQSFQSAPRVYRVNGLSRAPASSETFEHDGKKVT
IASYFHSRNYPLKFPQLHCLNVGSSIKSILLPIELCSIEEGQA
;
A
#
loop_
_chem_comp.id
_chem_comp.type
_chem_comp.name
_chem_comp.formula
A RNA linking ADENOSINE-5'-MONOPHOSPHATE 'C10 H14 N5 O7 P'
C RNA linking CYTIDINE-5'-MONOPHOSPHATE 'C9 H14 N3 O8 P'
U RNA linking URIDINE-5'-MONOPHOSPHATE 'C9 H13 N2 O9 P'
#
# COMPACT_ATOMS: atom_id res chain seq x y z
N GLY B 1 -16.34 -6.46 16.17
CA GLY B 1 -16.20 -5.46 15.08
C GLY B 1 -14.92 -4.66 15.20
N ALA B 2 -13.96 -4.94 14.33
CA ALA B 2 -12.68 -4.24 14.35
C ALA B 2 -12.81 -2.87 13.69
N MET B 3 -12.07 -1.90 14.21
CA MET B 3 -12.10 -0.55 13.68
C MET B 3 -11.11 -0.42 12.51
N ALA B 4 -11.12 -1.40 11.64
CA ALA B 4 -10.19 -1.45 10.52
C ALA B 4 -10.84 -0.90 9.26
N MET B 5 -10.36 0.25 8.82
CA MET B 5 -10.86 0.90 7.61
C MET B 5 -9.96 0.59 6.43
N PRO B 6 -10.52 0.18 5.29
CA PRO B 6 -9.74 0.03 4.06
C PRO B 6 -9.04 1.34 3.72
N MET B 7 -7.73 1.27 3.53
CA MET B 7 -6.90 2.48 3.39
C MET B 7 -7.28 3.31 2.17
N ILE B 8 -7.82 2.68 1.13
CA ILE B 8 -8.34 3.43 -0.01
C ILE B 8 -9.61 4.19 0.41
N GLU B 9 -10.49 3.49 1.12
CA GLU B 9 -11.72 4.08 1.63
C GLU B 9 -11.39 5.21 2.60
N TYR B 10 -10.31 5.05 3.35
CA TYR B 10 -9.85 6.05 4.29
C TYR B 10 -9.52 7.35 3.54
N LEU B 11 -8.77 7.22 2.45
CA LEU B 11 -8.36 8.37 1.68
C LEU B 11 -9.55 9.00 0.94
N GLU B 12 -10.49 8.17 0.52
CA GLU B 12 -11.69 8.67 -0.13
C GLU B 12 -12.41 9.69 0.76
N ARG B 13 -12.62 9.31 2.00
CA ARG B 13 -13.42 10.11 2.93
C ARG B 13 -12.64 11.29 3.49
N PHE B 14 -11.41 11.05 3.92
CA PHE B 14 -10.66 12.06 4.65
C PHE B 14 -9.68 12.84 3.78
N SER B 15 -9.11 12.19 2.77
CA SER B 15 -8.00 12.80 2.04
C SER B 15 -8.46 13.56 0.81
N LEU B 16 -9.24 12.91 -0.05
CA LEU B 16 -9.66 13.53 -1.29
C LEU B 16 -11.08 14.06 -1.19
N LYS B 17 -11.84 13.53 -0.22
CA LYS B 17 -13.27 13.83 -0.10
C LYS B 17 -13.99 13.38 -1.36
N ALA B 18 -13.39 12.43 -2.04
CA ALA B 18 -13.88 11.90 -3.30
C ALA B 18 -13.41 10.45 -3.45
N LYS B 19 -14.12 9.68 -4.26
CA LYS B 19 -13.83 8.26 -4.37
C LYS B 19 -12.68 8.00 -5.33
N ILE B 20 -11.74 7.18 -4.86
CA ILE B 20 -10.61 6.74 -5.64
C ILE B 20 -11.07 6.02 -6.91
N ASN B 21 -10.47 6.36 -8.04
CA ASN B 21 -10.88 5.79 -9.32
C ASN B 21 -9.65 5.52 -10.19
N ASN B 22 -9.85 4.91 -11.35
CA ASN B 22 -8.74 4.61 -12.26
C ASN B 22 -8.01 5.89 -12.68
N THR B 23 -8.77 6.96 -12.86
CA THR B 23 -8.24 8.19 -13.39
C THR B 23 -7.65 9.10 -12.31
N THR B 24 -7.75 8.70 -11.05
CA THR B 24 -7.19 9.51 -9.97
C THR B 24 -5.74 9.13 -9.67
N ASN B 25 -4.85 10.10 -9.83
CA ASN B 25 -3.44 9.92 -9.50
C ASN B 25 -3.24 10.16 -8.01
N LEU B 26 -3.06 9.07 -7.28
CA LEU B 26 -2.94 9.13 -5.82
C LEU B 26 -1.80 10.06 -5.39
N ASP B 27 -0.76 10.13 -6.20
CA ASP B 27 0.43 10.94 -5.91
C ASP B 27 0.07 12.37 -5.49
N TYR B 28 -0.94 12.94 -6.13
CA TYR B 28 -1.31 14.33 -5.89
C TYR B 28 -1.89 14.54 -4.49
N SER B 29 -2.16 13.45 -3.79
CA SER B 29 -2.45 13.53 -2.37
C SER B 29 -1.36 12.82 -1.57
N ARG B 30 -1.00 11.63 -2.06
CA ARG B 30 -0.17 10.68 -1.33
C ARG B 30 1.20 11.26 -1.01
N ARG B 31 1.71 12.08 -1.90
CA ARG B 31 3.04 12.68 -1.72
C ARG B 31 3.04 13.63 -0.52
N PHE B 32 1.88 14.20 -0.21
CA PHE B 32 1.78 15.15 0.90
C PHE B 32 1.29 14.45 2.15
N LEU B 33 0.91 13.20 2.01
CA LEU B 33 0.35 12.44 3.12
C LEU B 33 1.45 11.80 3.94
N GLU B 34 2.69 11.92 3.47
CA GLU B 34 3.87 11.34 4.14
C GLU B 34 3.89 11.58 5.65
N PRO B 35 3.75 12.85 6.14
CA PRO B 35 3.83 13.13 7.57
C PRO B 35 2.78 12.38 8.39
N PHE B 36 1.69 11.99 7.73
CA PHE B 36 0.64 11.22 8.37
C PHE B 36 0.99 9.73 8.37
N LEU B 37 1.41 9.24 7.20
CA LEU B 37 1.76 7.83 7.04
C LEU B 37 2.98 7.47 7.86
N ARG B 38 3.82 8.46 8.14
CA ARG B 38 5.00 8.28 8.94
C ARG B 38 4.64 8.01 10.40
N GLY B 39 4.39 6.75 10.71
CA GLY B 39 4.06 6.38 12.06
C GLY B 39 2.61 5.93 12.20
N ILE B 40 2.12 5.14 11.26
CA ILE B 40 0.79 4.55 11.40
C ILE B 40 0.89 3.04 11.56
N ASN B 41 -0.22 2.40 11.88
CA ASN B 41 -0.26 0.95 11.96
C ASN B 41 -1.34 0.41 11.04
N VAL B 42 -0.95 -0.44 10.11
CA VAL B 42 -1.89 -0.98 9.14
C VAL B 42 -2.06 -2.47 9.33
N VAL B 43 -3.29 -2.92 9.32
CA VAL B 43 -3.54 -4.34 9.28
C VAL B 43 -3.53 -4.77 7.83
N TYR B 44 -2.44 -5.37 7.42
CA TYR B 44 -2.25 -5.70 6.03
C TYR B 44 -2.90 -7.04 5.74
N THR B 45 -3.75 -7.05 4.72
CA THR B 45 -4.38 -8.28 4.29
C THR B 45 -3.64 -8.83 3.09
N PRO B 46 -2.82 -9.87 3.29
CA PRO B 46 -2.00 -10.45 2.24
C PRO B 46 -2.84 -11.33 1.32
N PRO B 47 -2.58 -11.24 0.00
CA PRO B 47 -3.22 -12.12 -0.97
C PRO B 47 -3.01 -13.57 -0.58
N GLN B 48 -4.06 -14.37 -0.73
CA GLN B 48 -4.07 -15.76 -0.31
C GLN B 48 -2.98 -16.58 -1.01
N SER B 49 -2.44 -16.03 -2.10
CA SER B 49 -1.33 -16.65 -2.80
C SER B 49 -0.10 -16.75 -1.88
N PHE B 50 0.01 -15.80 -0.94
CA PHE B 50 1.14 -15.79 0.00
C PHE B 50 0.85 -16.66 1.21
N GLN B 51 -0.40 -17.10 1.32
CA GLN B 51 -0.85 -17.98 2.41
C GLN B 51 -0.67 -17.33 3.79
N SER B 52 -0.72 -16.01 3.82
CA SER B 52 -0.52 -15.29 5.06
C SER B 52 -1.83 -14.62 5.50
N ALA B 53 -1.91 -14.26 6.77
CA ALA B 53 -3.11 -13.68 7.34
C ALA B 53 -2.87 -12.23 7.71
N PRO B 54 -3.95 -11.42 7.85
CA PRO B 54 -3.84 -10.00 8.20
C PRO B 54 -2.92 -9.76 9.38
N ARG B 55 -2.01 -8.80 9.21
CA ARG B 55 -0.97 -8.53 10.20
C ARG B 55 -0.69 -7.04 10.27
N VAL B 56 -0.55 -6.52 11.48
CA VAL B 56 -0.35 -5.08 11.67
C VAL B 56 1.11 -4.69 11.47
N TYR B 57 1.33 -3.61 10.74
CA TYR B 57 2.68 -3.11 10.49
C TYR B 57 2.76 -1.62 10.79
N ARG B 58 3.87 -1.22 11.38
CA ARG B 58 4.14 0.19 11.60
C ARG B 58 4.72 0.79 10.32
N VAL B 59 3.93 1.62 9.69
CA VAL B 59 4.32 2.26 8.44
C VAL B 59 5.21 3.45 8.72
N ASN B 60 6.38 3.45 8.07
CA ASN B 60 7.38 4.49 8.29
C ASN B 60 7.13 5.68 7.36
N GLY B 61 6.44 5.43 6.26
CA GLY B 61 6.09 6.49 5.35
C GLY B 61 5.65 5.96 3.99
N LEU B 62 6.11 6.59 2.93
CA LEU B 62 5.64 6.27 1.60
C LEU B 62 6.77 6.29 0.59
N SER B 63 6.59 5.51 -0.47
CA SER B 63 7.57 5.44 -1.55
C SER B 63 7.38 6.62 -2.50
N ARG B 64 8.51 7.15 -2.99
CA ARG B 64 8.50 8.25 -3.93
C ARG B 64 7.97 7.80 -5.29
N ALA B 65 7.98 6.50 -5.50
CA ALA B 65 7.52 5.93 -6.76
C ALA B 65 6.44 4.88 -6.51
N PRO B 66 5.40 4.89 -7.35
CA PRO B 66 4.29 3.93 -7.27
C PRO B 66 4.72 2.50 -7.53
N ALA B 67 3.82 1.55 -7.26
CA ALA B 67 4.12 0.13 -7.38
C ALA B 67 4.75 -0.23 -8.73
N SER B 68 4.15 0.25 -9.81
CA SER B 68 4.61 -0.10 -11.16
C SER B 68 5.89 0.64 -11.51
N SER B 69 6.16 1.72 -10.79
CA SER B 69 7.34 2.54 -11.08
C SER B 69 8.55 2.07 -10.28
N GLU B 70 8.32 1.16 -9.35
CA GLU B 70 9.41 0.58 -8.57
C GLU B 70 9.74 -0.80 -9.11
N THR B 71 11.03 -1.06 -9.29
CA THR B 71 11.48 -2.30 -9.90
C THR B 71 12.50 -3.00 -9.01
N PHE B 72 12.35 -4.30 -8.86
CA PHE B 72 13.30 -5.10 -8.11
C PHE B 72 13.74 -6.27 -8.97
N GLU B 73 14.92 -6.79 -8.71
CA GLU B 73 15.53 -7.77 -9.60
C GLU B 73 15.66 -9.13 -8.94
N HIS B 74 14.86 -10.07 -9.41
CA HIS B 74 14.88 -11.42 -8.86
C HIS B 74 15.68 -12.34 -9.79
N ASP B 75 16.88 -12.71 -9.33
CA ASP B 75 17.75 -13.63 -10.07
C ASP B 75 18.02 -13.15 -11.49
N GLY B 76 18.35 -11.88 -11.62
CA GLY B 76 18.71 -11.32 -12.91
C GLY B 76 17.53 -10.74 -13.67
N LYS B 77 16.33 -11.11 -13.27
CA LYS B 77 15.14 -10.64 -13.97
C LYS B 77 14.53 -9.45 -13.24
N LYS B 78 14.37 -8.34 -13.93
CA LYS B 78 13.83 -7.13 -13.34
C LYS B 78 12.32 -7.11 -13.46
N VAL B 79 11.64 -7.04 -12.33
CA VAL B 79 10.19 -6.98 -12.30
C VAL B 79 9.74 -5.86 -11.36
N THR B 80 8.63 -5.22 -11.70
CA THR B 80 8.12 -4.15 -10.86
C THR B 80 7.37 -4.73 -9.67
N ILE B 81 7.07 -3.90 -8.68
CA ILE B 81 6.29 -4.35 -7.53
C ILE B 81 4.95 -4.92 -8.02
N ALA B 82 4.36 -4.21 -8.97
CA ALA B 82 3.09 -4.64 -9.55
C ALA B 82 3.25 -5.93 -10.34
N SER B 83 4.36 -6.07 -11.04
CA SER B 83 4.65 -7.27 -11.81
C SER B 83 4.74 -8.48 -10.91
N TYR B 84 5.28 -8.28 -9.71
CA TYR B 84 5.41 -9.36 -8.74
C TYR B 84 4.04 -9.85 -8.29
N PHE B 85 3.16 -8.93 -7.95
CA PHE B 85 1.81 -9.28 -7.56
C PHE B 85 1.04 -9.88 -8.73
N HIS B 86 1.28 -9.34 -9.91
CA HIS B 86 0.67 -9.88 -11.12
C HIS B 86 1.11 -11.33 -11.33
N SER B 87 2.37 -11.62 -10.97
CA SER B 87 2.91 -12.96 -11.06
C SER B 87 2.20 -13.88 -10.06
N ARG B 88 1.64 -13.29 -9.01
CA ARG B 88 0.84 -14.03 -8.03
C ARG B 88 -0.60 -14.12 -8.50
N ASN B 89 -0.80 -13.89 -9.79
CA ASN B 89 -2.14 -13.83 -10.39
C ASN B 89 -2.97 -12.75 -9.70
N TYR B 90 -2.33 -11.63 -9.44
CA TYR B 90 -2.97 -10.53 -8.75
C TYR B 90 -2.65 -9.21 -9.43
N PRO B 91 -3.23 -8.96 -10.63
CA PRO B 91 -3.04 -7.70 -11.34
C PRO B 91 -3.59 -6.53 -10.53
N LEU B 92 -2.70 -5.66 -10.08
CA LEU B 92 -3.07 -4.54 -9.23
C LEU B 92 -4.07 -3.63 -9.94
N LYS B 93 -5.19 -3.42 -9.26
CA LYS B 93 -6.25 -2.54 -9.73
C LYS B 93 -5.71 -1.15 -10.02
N PHE B 94 -4.81 -0.69 -9.16
CA PHE B 94 -4.19 0.60 -9.31
C PHE B 94 -2.69 0.49 -9.09
N PRO B 95 -1.92 0.15 -10.14
CA PRO B 95 -0.45 0.06 -10.07
C PRO B 95 0.20 1.43 -9.88
N GLN B 96 -0.62 2.48 -10.03
CA GLN B 96 -0.16 3.84 -9.91
C GLN B 96 -0.28 4.32 -8.45
N LEU B 97 -0.41 3.36 -7.54
CA LEU B 97 -0.52 3.66 -6.12
C LEU B 97 0.84 3.76 -5.47
N HIS B 98 0.97 4.73 -4.58
CA HIS B 98 2.16 4.86 -3.78
C HIS B 98 2.06 3.96 -2.56
N CYS B 99 2.78 2.86 -2.61
CA CYS B 99 2.76 1.85 -1.56
C CYS B 99 3.40 2.37 -0.28
N LEU B 100 3.06 1.72 0.82
CA LEU B 100 3.56 2.08 2.14
C LEU B 100 5.01 1.68 2.28
N ASN B 101 5.85 2.60 2.70
CA ASN B 101 7.20 2.24 3.04
C ASN B 101 7.21 1.74 4.48
N VAL B 102 7.15 0.44 4.59
CA VAL B 102 7.06 -0.23 5.86
C VAL B 102 8.28 -1.08 6.10
N GLY B 103 8.19 -1.94 7.08
CA GLY B 103 9.26 -2.85 7.39
C GLY B 103 10.26 -2.24 8.36
N SER B 104 11.52 -2.18 7.94
CA SER B 104 12.59 -1.72 8.79
C SER B 104 13.73 -1.13 7.95
N SER B 105 14.81 -0.71 8.62
CA SER B 105 15.97 -0.18 7.92
C SER B 105 16.49 -1.20 6.90
N ILE B 106 16.55 -2.45 7.31
CA ILE B 106 17.01 -3.52 6.42
C ILE B 106 15.90 -3.96 5.48
N LYS B 107 14.71 -4.21 6.02
CA LYS B 107 13.58 -4.59 5.22
C LYS B 107 12.84 -3.35 4.73
N SER B 108 13.30 -2.80 3.63
CA SER B 108 12.65 -1.66 3.02
C SER B 108 11.58 -2.16 2.07
N ILE B 109 10.38 -2.32 2.58
CA ILE B 109 9.32 -2.91 1.80
C ILE B 109 8.18 -1.94 1.57
N LEU B 110 7.52 -2.11 0.44
CA LEU B 110 6.45 -1.25 0.01
C LEU B 110 5.15 -2.05 0.01
N LEU B 111 4.16 -1.62 0.79
CA LEU B 111 2.92 -2.37 0.89
C LEU B 111 1.77 -1.65 0.18
N PRO B 112 1.16 -2.30 -0.82
CA PRO B 112 0.03 -1.76 -1.57
C PRO B 112 -1.10 -1.28 -0.64
N ILE B 113 -1.33 0.03 -0.64
CA ILE B 113 -2.28 0.65 0.28
C ILE B 113 -3.71 0.11 0.09
N GLU B 114 -4.00 -0.41 -1.10
CA GLU B 114 -5.32 -1.00 -1.37
C GLU B 114 -5.59 -2.21 -0.48
N LEU B 115 -4.55 -3.00 -0.19
CA LEU B 115 -4.71 -4.23 0.57
C LEU B 115 -4.47 -3.99 2.05
N CYS B 116 -4.59 -2.74 2.47
CA CYS B 116 -4.32 -2.37 3.84
C CYS B 116 -5.59 -1.92 4.56
N SER B 117 -5.81 -2.46 5.75
CA SER B 117 -6.89 -1.98 6.60
C SER B 117 -6.29 -1.24 7.78
N ILE B 118 -6.46 0.06 7.75
CA ILE B 118 -5.93 0.92 8.78
C ILE B 118 -6.89 0.97 9.95
N GLU B 119 -6.45 0.52 11.09
CA GLU B 119 -7.28 0.64 12.27
C GLU B 119 -7.16 2.05 12.80
N GLU B 120 -8.29 2.74 12.91
CA GLU B 120 -8.28 4.15 13.25
C GLU B 120 -7.76 4.39 14.67
N GLY B 121 -7.83 3.36 15.50
CA GLY B 121 -7.32 3.48 16.85
C GLY B 121 -5.83 3.16 16.92
N GLN B 122 -5.39 2.24 16.06
CA GLN B 122 -4.01 1.81 16.05
C GLN B 122 -3.12 2.83 15.36
N ALA B 123 -3.70 3.55 14.42
CA ALA B 123 -2.97 4.60 13.70
C ALA B 123 -2.85 5.84 14.56
N GLY B 1 -11.44 -7.24 10.77
CA GLY B 1 -10.74 -6.30 11.68
C GLY B 1 -11.71 -5.51 12.52
N ALA B 2 -11.19 -4.72 13.45
CA ALA B 2 -12.01 -3.90 14.31
C ALA B 2 -12.12 -2.49 13.73
N MET B 3 -13.20 -2.25 12.98
CA MET B 3 -13.40 -0.99 12.30
C MET B 3 -12.25 -0.73 11.33
N ALA B 4 -11.89 -1.78 10.61
CA ALA B 4 -10.75 -1.74 9.71
C ALA B 4 -11.13 -1.11 8.38
N MET B 5 -10.72 0.13 8.20
CA MET B 5 -10.96 0.84 6.96
C MET B 5 -9.85 0.55 5.96
N PRO B 6 -10.19 0.06 4.77
CA PRO B 6 -9.21 -0.05 3.70
C PRO B 6 -8.61 1.32 3.43
N MET B 7 -7.28 1.38 3.37
CA MET B 7 -6.58 2.65 3.28
C MET B 7 -6.96 3.45 2.03
N ILE B 8 -7.43 2.76 1.00
CA ILE B 8 -7.95 3.43 -0.18
C ILE B 8 -9.26 4.14 0.16
N GLU B 9 -10.14 3.40 0.82
CA GLU B 9 -11.40 3.94 1.34
C GLU B 9 -11.13 5.14 2.26
N TYR B 10 -10.06 5.06 3.02
CA TYR B 10 -9.65 6.12 3.93
C TYR B 10 -9.35 7.41 3.15
N LEU B 11 -8.53 7.28 2.11
CA LEU B 11 -8.11 8.43 1.32
C LEU B 11 -9.26 9.01 0.51
N GLU B 12 -10.18 8.18 0.07
CA GLU B 12 -11.35 8.65 -0.66
C GLU B 12 -12.17 9.62 0.20
N ARG B 13 -12.45 9.19 1.43
CA ARG B 13 -13.37 9.92 2.29
C ARG B 13 -12.73 11.13 2.96
N PHE B 14 -11.47 11.01 3.33
CA PHE B 14 -10.84 12.06 4.14
C PHE B 14 -9.84 12.90 3.35
N SER B 15 -9.15 12.29 2.40
CA SER B 15 -8.01 12.95 1.78
C SER B 15 -8.32 13.58 0.43
N LEU B 16 -8.87 12.79 -0.49
CA LEU B 16 -9.08 13.24 -1.86
C LEU B 16 -10.52 13.70 -2.11
N LYS B 17 -11.43 13.24 -1.25
CA LYS B 17 -12.86 13.55 -1.38
C LYS B 17 -13.40 13.05 -2.71
N ALA B 18 -12.74 12.05 -3.26
CA ALA B 18 -13.12 11.48 -4.54
C ALA B 18 -12.86 9.99 -4.53
N LYS B 19 -13.62 9.26 -5.34
CA LYS B 19 -13.49 7.82 -5.44
C LYS B 19 -12.19 7.46 -6.16
N ILE B 20 -11.40 6.62 -5.50
CA ILE B 20 -10.13 6.18 -6.05
C ILE B 20 -10.35 5.22 -7.22
N ASN B 21 -9.79 5.56 -8.36
CA ASN B 21 -9.90 4.73 -9.55
C ASN B 21 -8.52 4.20 -9.93
N ASN B 22 -8.46 3.45 -11.02
CA ASN B 22 -7.20 2.87 -11.46
C ASN B 22 -6.28 3.93 -12.05
N THR B 23 -6.86 5.06 -12.48
CA THR B 23 -6.09 6.12 -13.11
C THR B 23 -5.93 7.34 -12.20
N THR B 24 -6.48 7.28 -11.00
CA THR B 24 -6.40 8.41 -10.09
C THR B 24 -5.09 8.40 -9.31
N ASN B 25 -4.31 9.45 -9.47
CA ASN B 25 -3.11 9.63 -8.69
C ASN B 25 -3.46 10.14 -7.30
N LEU B 26 -3.30 9.26 -6.31
CA LEU B 26 -3.49 9.62 -4.90
C LEU B 26 -2.49 10.69 -4.48
N ASP B 27 -1.62 11.07 -5.42
CA ASP B 27 -0.49 11.95 -5.15
C ASP B 27 -0.94 13.31 -4.67
N TYR B 28 -2.15 13.69 -5.06
CA TYR B 28 -2.71 14.99 -4.66
C TYR B 28 -2.93 15.04 -3.15
N SER B 29 -2.99 13.88 -2.52
CA SER B 29 -3.01 13.83 -1.06
C SER B 29 -1.76 13.15 -0.50
N ARG B 30 -1.41 11.99 -1.07
CA ARG B 30 -0.39 11.11 -0.49
C ARG B 30 0.98 11.78 -0.44
N ARG B 31 1.24 12.64 -1.41
CA ARG B 31 2.54 13.31 -1.51
C ARG B 31 2.71 14.30 -0.37
N PHE B 32 1.60 14.66 0.25
CA PHE B 32 1.60 15.59 1.36
C PHE B 32 1.31 14.84 2.67
N LEU B 33 0.78 13.64 2.53
CA LEU B 33 0.36 12.84 3.67
C LEU B 33 1.50 12.00 4.22
N GLU B 34 2.65 12.02 3.54
CA GLU B 34 3.84 11.29 4.01
C GLU B 34 4.10 11.45 5.51
N PRO B 35 4.15 12.69 6.05
CA PRO B 35 4.39 12.89 7.48
C PRO B 35 3.29 12.32 8.37
N PHE B 36 2.11 12.11 7.78
CA PHE B 36 0.99 11.49 8.49
C PHE B 36 1.13 9.96 8.43
N LEU B 37 1.57 9.48 7.28
CA LEU B 37 1.83 8.05 7.07
C LEU B 37 2.98 7.59 7.96
N ARG B 38 3.82 8.55 8.35
CA ARG B 38 4.95 8.26 9.22
C ARG B 38 4.48 8.04 10.65
N GLY B 39 4.25 6.78 11.00
CA GLY B 39 3.86 6.45 12.35
C GLY B 39 2.44 5.95 12.43
N ILE B 40 1.98 5.25 11.39
CA ILE B 40 0.68 4.61 11.44
C ILE B 40 0.87 3.11 11.58
N ASN B 41 -0.20 2.37 11.82
CA ASN B 41 -0.12 0.93 11.83
C ASN B 41 -1.18 0.38 10.89
N VAL B 42 -0.80 -0.57 10.07
CA VAL B 42 -1.71 -1.12 9.08
C VAL B 42 -1.88 -2.61 9.27
N VAL B 43 -3.11 -3.06 9.20
CA VAL B 43 -3.36 -4.49 9.15
C VAL B 43 -3.25 -4.92 7.70
N TYR B 44 -2.15 -5.56 7.38
CA TYR B 44 -1.87 -5.92 6.01
C TYR B 44 -2.43 -7.29 5.71
N THR B 45 -3.39 -7.35 4.81
CA THR B 45 -3.97 -8.60 4.38
C THR B 45 -3.24 -9.14 3.17
N PRO B 46 -2.41 -10.18 3.36
CA PRO B 46 -1.66 -10.79 2.27
C PRO B 46 -2.58 -11.56 1.35
N PRO B 47 -2.45 -11.34 0.03
CA PRO B 47 -3.25 -12.02 -0.98
C PRO B 47 -3.28 -13.53 -0.76
N GLN B 48 -4.45 -14.11 -0.96
CA GLN B 48 -4.70 -15.54 -0.72
C GLN B 48 -3.66 -16.42 -1.41
N SER B 49 -3.05 -15.92 -2.47
CA SER B 49 -2.03 -16.65 -3.20
C SER B 49 -0.80 -16.89 -2.32
N PHE B 50 -0.55 -16.00 -1.38
CA PHE B 50 0.60 -16.12 -0.49
C PHE B 50 0.29 -17.00 0.71
N GLN B 51 -1.02 -17.23 0.91
CA GLN B 51 -1.51 -18.06 2.01
C GLN B 51 -0.99 -17.57 3.36
N SER B 52 -0.77 -16.26 3.44
CA SER B 52 -0.22 -15.66 4.65
C SER B 52 -1.32 -15.03 5.49
N ALA B 53 -0.99 -14.76 6.74
CA ALA B 53 -1.95 -14.23 7.70
C ALA B 53 -1.75 -12.72 7.86
N PRO B 54 -2.85 -11.96 7.99
CA PRO B 54 -2.81 -10.50 8.14
C PRO B 54 -1.96 -10.09 9.34
N ARG B 55 -1.08 -9.13 9.10
CA ARG B 55 -0.12 -8.69 10.10
C ARG B 55 -0.11 -7.17 10.19
N VAL B 56 0.02 -6.67 11.41
CA VAL B 56 0.07 -5.23 11.63
C VAL B 56 1.49 -4.70 11.43
N TYR B 57 1.62 -3.64 10.66
CA TYR B 57 2.92 -3.04 10.40
C TYR B 57 2.92 -1.57 10.76
N ARG B 58 3.99 -1.12 11.41
CA ARG B 58 4.15 0.29 11.66
C ARG B 58 4.73 0.94 10.41
N VAL B 59 3.90 1.70 9.73
CA VAL B 59 4.30 2.38 8.51
C VAL B 59 5.11 3.62 8.84
N ASN B 60 6.25 3.75 8.19
CA ASN B 60 7.16 4.87 8.45
C ASN B 60 6.94 5.98 7.44
N GLY B 61 6.22 5.68 6.36
CA GLY B 61 5.87 6.69 5.40
C GLY B 61 5.50 6.12 4.06
N LEU B 62 5.59 6.93 3.02
CA LEU B 62 5.28 6.51 1.68
C LEU B 62 6.54 6.51 0.83
N SER B 63 6.52 5.70 -0.21
CA SER B 63 7.61 5.67 -1.15
C SER B 63 7.30 6.62 -2.30
N ARG B 64 8.31 7.32 -2.76
CA ARG B 64 8.15 8.36 -3.76
C ARG B 64 7.90 7.79 -5.16
N ALA B 65 7.97 6.46 -5.29
CA ALA B 65 7.73 5.81 -6.56
C ALA B 65 6.56 4.81 -6.47
N PRO B 66 5.66 4.82 -7.46
CA PRO B 66 4.53 3.89 -7.55
C PRO B 66 4.99 2.45 -7.79
N ALA B 67 4.15 1.51 -7.39
CA ALA B 67 4.49 0.09 -7.43
C ALA B 67 4.61 -0.42 -8.86
N SER B 68 4.06 0.32 -9.81
CA SER B 68 4.15 -0.05 -11.22
C SER B 68 5.43 0.55 -11.84
N SER B 69 6.11 1.38 -11.07
CA SER B 69 7.26 2.12 -11.58
C SER B 69 8.58 1.56 -11.05
N GLU B 70 8.60 1.17 -9.77
CA GLU B 70 9.84 0.71 -9.15
C GLU B 70 9.97 -0.81 -9.27
N THR B 71 11.20 -1.30 -9.34
CA THR B 71 11.46 -2.71 -9.61
C THR B 71 12.33 -3.36 -8.54
N PHE B 72 12.29 -4.69 -8.52
CA PHE B 72 13.24 -5.49 -7.76
C PHE B 72 13.60 -6.72 -8.61
N GLU B 73 14.76 -7.30 -8.38
CA GLU B 73 15.24 -8.35 -9.25
C GLU B 73 14.82 -9.74 -8.73
N HIS B 74 13.85 -10.33 -9.43
CA HIS B 74 13.33 -11.64 -9.09
C HIS B 74 13.74 -12.64 -10.16
N ASP B 75 14.40 -13.73 -9.76
CA ASP B 75 14.83 -14.77 -10.70
C ASP B 75 15.86 -14.21 -11.68
N GLY B 76 16.49 -13.12 -11.30
CA GLY B 76 17.44 -12.45 -12.19
C GLY B 76 16.73 -11.53 -13.16
N LYS B 77 15.40 -11.46 -13.04
CA LYS B 77 14.58 -10.61 -13.91
C LYS B 77 14.17 -9.38 -13.13
N LYS B 78 14.28 -8.22 -13.75
CA LYS B 78 13.86 -6.98 -13.10
C LYS B 78 12.35 -6.82 -13.16
N VAL B 79 11.70 -7.24 -12.10
CA VAL B 79 10.25 -7.25 -12.03
C VAL B 79 9.75 -6.07 -11.23
N THR B 80 8.62 -5.50 -11.63
CA THR B 80 8.04 -4.40 -10.89
C THR B 80 7.19 -4.96 -9.75
N ILE B 81 7.00 -4.17 -8.70
CA ILE B 81 6.20 -4.62 -7.57
C ILE B 81 4.79 -5.00 -8.02
N ALA B 82 4.21 -4.17 -8.88
CA ALA B 82 2.87 -4.42 -9.39
C ALA B 82 2.80 -5.71 -10.18
N SER B 83 3.75 -5.92 -11.10
CA SER B 83 3.76 -7.12 -11.93
C SER B 83 4.02 -8.37 -11.10
N TYR B 84 4.72 -8.22 -9.98
CA TYR B 84 4.96 -9.35 -9.10
C TYR B 84 3.65 -9.87 -8.51
N PHE B 85 2.83 -8.96 -7.98
CA PHE B 85 1.53 -9.34 -7.45
C PHE B 85 0.61 -9.79 -8.58
N HIS B 86 0.73 -9.13 -9.73
CA HIS B 86 0.01 -9.52 -10.93
C HIS B 86 0.29 -10.99 -11.27
N SER B 87 1.53 -11.41 -11.07
CA SER B 87 1.94 -12.79 -11.32
C SER B 87 1.26 -13.75 -10.35
N ARG B 88 0.85 -13.23 -9.19
CA ARG B 88 0.16 -14.03 -8.17
C ARG B 88 -1.32 -14.13 -8.48
N ASN B 89 -1.67 -13.96 -9.75
CA ASN B 89 -3.05 -13.95 -10.21
C ASN B 89 -3.80 -12.84 -9.52
N TYR B 90 -3.07 -11.78 -9.20
CA TYR B 90 -3.60 -10.71 -8.39
C TYR B 90 -3.35 -9.36 -9.05
N PRO B 91 -4.19 -8.98 -10.01
CA PRO B 91 -4.08 -7.68 -10.68
C PRO B 91 -4.48 -6.54 -9.75
N LEU B 92 -3.50 -5.71 -9.40
CA LEU B 92 -3.74 -4.57 -8.54
C LEU B 92 -4.78 -3.65 -9.16
N LYS B 93 -5.70 -3.18 -8.32
CA LYS B 93 -6.80 -2.35 -8.76
C LYS B 93 -6.30 -0.94 -9.00
N PHE B 94 -5.31 -0.53 -8.22
CA PHE B 94 -4.75 0.80 -8.32
C PHE B 94 -3.22 0.74 -8.39
N PRO B 95 -2.66 0.27 -9.52
CA PRO B 95 -1.21 0.12 -9.69
C PRO B 95 -0.47 1.46 -9.70
N GLN B 96 -1.24 2.55 -9.78
CA GLN B 96 -0.67 3.89 -9.85
C GLN B 96 -0.55 4.48 -8.44
N LEU B 97 -0.61 3.62 -7.43
CA LEU B 97 -0.44 4.07 -6.06
C LEU B 97 1.03 4.13 -5.70
N HIS B 98 1.39 5.17 -4.97
CA HIS B 98 2.70 5.27 -4.36
C HIS B 98 2.80 4.27 -3.23
N CYS B 99 3.81 3.42 -3.30
CA CYS B 99 3.96 2.30 -2.38
C CYS B 99 4.04 2.76 -0.92
N LEU B 100 3.64 1.87 -0.03
CA LEU B 100 3.66 2.15 1.39
C LEU B 100 5.00 1.71 1.96
N ASN B 101 5.79 2.64 2.46
CA ASN B 101 7.08 2.27 3.01
C ASN B 101 6.90 1.85 4.45
N VAL B 102 6.89 0.55 4.61
CA VAL B 102 6.60 -0.08 5.87
C VAL B 102 7.80 -0.86 6.36
N GLY B 103 7.56 -1.75 7.29
CA GLY B 103 8.60 -2.61 7.78
C GLY B 103 9.39 -1.96 8.90
N SER B 104 10.56 -2.52 9.17
CA SER B 104 11.43 -1.98 10.19
C SER B 104 12.44 -1.02 9.55
N SER B 105 13.30 -0.42 10.34
CA SER B 105 14.30 0.49 9.80
C SER B 105 15.22 -0.25 8.83
N ILE B 106 15.53 -1.51 9.15
CA ILE B 106 16.39 -2.31 8.29
C ILE B 106 15.59 -2.91 7.12
N LYS B 107 14.39 -3.42 7.39
CA LYS B 107 13.54 -3.95 6.36
C LYS B 107 12.66 -2.85 5.78
N SER B 108 13.17 -2.11 4.83
CA SER B 108 12.41 -1.07 4.17
C SER B 108 11.65 -1.68 3.00
N ILE B 109 10.38 -1.97 3.23
CA ILE B 109 9.56 -2.66 2.26
C ILE B 109 8.40 -1.81 1.80
N LEU B 110 8.05 -1.95 0.54
CA LEU B 110 7.03 -1.13 -0.08
C LEU B 110 5.77 -1.97 -0.29
N LEU B 111 4.69 -1.62 0.36
CA LEU B 111 3.47 -2.41 0.29
C LEU B 111 2.38 -1.70 -0.49
N PRO B 112 1.59 -2.43 -1.26
CA PRO B 112 0.39 -1.87 -1.89
C PRO B 112 -0.63 -1.43 -0.85
N ILE B 113 -0.80 -0.11 -0.74
CA ILE B 113 -1.74 0.48 0.22
C ILE B 113 -3.16 -0.07 0.02
N GLU B 114 -3.40 -0.56 -1.20
CA GLU B 114 -4.66 -1.22 -1.55
C GLU B 114 -4.98 -2.37 -0.58
N LEU B 115 -3.95 -3.08 -0.15
CA LEU B 115 -4.12 -4.27 0.66
C LEU B 115 -3.93 -3.96 2.15
N CYS B 116 -3.96 -2.69 2.49
CA CYS B 116 -3.73 -2.25 3.85
C CYS B 116 -5.04 -1.81 4.50
N SER B 117 -5.34 -2.39 5.65
CA SER B 117 -6.53 -2.02 6.41
C SER B 117 -6.12 -1.23 7.65
N ILE B 118 -6.48 0.04 7.67
CA ILE B 118 -6.22 0.90 8.81
C ILE B 118 -7.42 0.88 9.74
N GLU B 119 -7.23 0.32 10.92
CA GLU B 119 -8.34 0.18 11.86
C GLU B 119 -8.47 1.46 12.69
N GLU B 120 -9.64 2.08 12.65
CA GLU B 120 -9.85 3.31 13.38
C GLU B 120 -10.28 3.02 14.83
N GLY B 121 -10.68 1.79 15.10
CA GLY B 121 -11.15 1.45 16.43
C GLY B 121 -10.71 0.07 16.86
N GLN B 122 -9.42 -0.08 17.12
CA GLN B 122 -8.87 -1.36 17.56
C GLN B 122 -9.24 -1.62 19.00
N ALA B 123 -9.34 -0.55 19.77
CA ALA B 123 -9.73 -0.63 21.17
C ALA B 123 -10.16 0.75 21.64
N GLY B 1 -13.13 -6.88 8.15
CA GLY B 1 -12.93 -6.87 9.62
C GLY B 1 -13.92 -5.98 10.32
N ALA B 2 -13.65 -5.66 11.58
CA ALA B 2 -14.50 -4.74 12.33
C ALA B 2 -13.84 -3.38 12.44
N MET B 3 -14.48 -2.38 11.84
CA MET B 3 -13.98 -1.01 11.81
C MET B 3 -12.59 -0.97 11.16
N ALA B 4 -12.41 -1.84 10.17
CA ALA B 4 -11.15 -1.94 9.46
C ALA B 4 -11.32 -1.41 8.05
N MET B 5 -10.74 -0.25 7.79
CA MET B 5 -10.88 0.41 6.51
C MET B 5 -9.76 -0.04 5.58
N PRO B 6 -10.06 -0.22 4.30
CA PRO B 6 -9.02 -0.27 3.29
C PRO B 6 -8.38 1.10 3.19
N MET B 7 -7.05 1.14 3.17
CA MET B 7 -6.33 2.41 3.17
C MET B 7 -6.67 3.24 1.93
N ILE B 8 -7.14 2.56 0.88
CA ILE B 8 -7.69 3.25 -0.28
C ILE B 8 -8.93 4.04 0.12
N GLU B 9 -9.79 3.42 0.93
CA GLU B 9 -11.01 4.05 1.41
C GLU B 9 -10.68 5.22 2.33
N TYR B 10 -9.56 5.12 3.05
CA TYR B 10 -9.11 6.20 3.91
C TYR B 10 -8.88 7.45 3.06
N LEU B 11 -8.23 7.26 1.93
CA LEU B 11 -7.98 8.36 1.01
C LEU B 11 -9.27 8.87 0.39
N GLU B 12 -10.18 7.97 0.09
CA GLU B 12 -11.49 8.34 -0.45
C GLU B 12 -12.25 9.21 0.55
N ARG B 13 -12.40 8.72 1.77
CA ARG B 13 -13.22 9.37 2.78
C ARG B 13 -12.62 10.69 3.25
N PHE B 14 -11.32 10.71 3.53
CA PHE B 14 -10.73 11.85 4.20
C PHE B 14 -9.83 12.68 3.29
N SER B 15 -9.20 12.05 2.30
CA SER B 15 -8.12 12.72 1.59
C SER B 15 -8.60 13.39 0.28
N LEU B 16 -9.28 12.64 -0.56
CA LEU B 16 -9.74 13.16 -1.85
C LEU B 16 -11.22 13.50 -1.82
N LYS B 17 -11.94 12.89 -0.88
CA LYS B 17 -13.38 13.04 -0.75
C LYS B 17 -14.10 12.47 -1.97
N ALA B 18 -13.39 11.60 -2.70
CA ALA B 18 -13.89 11.04 -3.94
C ALA B 18 -13.36 9.63 -4.14
N LYS B 19 -13.95 8.92 -5.10
CA LYS B 19 -13.59 7.52 -5.37
C LYS B 19 -12.19 7.40 -5.96
N ILE B 20 -11.39 6.57 -5.32
CA ILE B 20 -10.07 6.22 -5.82
C ILE B 20 -10.19 5.27 -7.00
N ASN B 21 -9.43 5.55 -8.04
CA ASN B 21 -9.37 4.70 -9.22
C ASN B 21 -8.00 4.79 -9.85
N ASN B 22 -7.77 4.07 -10.94
CA ASN B 22 -6.45 4.00 -11.56
C ASN B 22 -6.15 5.30 -12.32
N THR B 23 -7.19 5.97 -12.77
CA THR B 23 -7.04 7.19 -13.55
C THR B 23 -6.64 8.38 -12.69
N THR B 24 -7.06 8.39 -11.44
CA THR B 24 -6.70 9.45 -10.52
C THR B 24 -5.26 9.24 -10.02
N ASN B 25 -4.53 10.32 -9.88
CA ASN B 25 -3.17 10.24 -9.38
C ASN B 25 -3.17 10.42 -7.87
N LEU B 26 -3.01 9.31 -7.17
CA LEU B 26 -2.99 9.32 -5.70
C LEU B 26 -1.93 10.27 -5.17
N ASP B 27 -0.91 10.52 -5.99
CA ASP B 27 0.19 11.43 -5.65
C ASP B 27 -0.34 12.75 -5.09
N TYR B 28 -1.40 13.27 -5.70
CA TYR B 28 -1.93 14.60 -5.36
C TYR B 28 -2.37 14.69 -3.90
N SER B 29 -2.57 13.56 -3.26
CA SER B 29 -2.75 13.53 -1.81
C SER B 29 -1.60 12.80 -1.14
N ARG B 30 -1.24 11.67 -1.73
CA ARG B 30 -0.27 10.74 -1.14
C ARG B 30 1.06 11.42 -0.82
N ARG B 31 1.48 12.34 -1.68
CA ARG B 31 2.76 13.03 -1.49
C ARG B 31 2.75 13.87 -0.21
N PHE B 32 1.57 14.28 0.22
CA PHE B 32 1.43 15.11 1.40
C PHE B 32 0.97 14.29 2.59
N LEU B 33 0.75 13.00 2.36
CA LEU B 33 0.25 12.12 3.41
C LEU B 33 1.40 11.46 4.16
N GLU B 34 2.62 11.55 3.59
CA GLU B 34 3.83 11.02 4.21
C GLU B 34 3.96 11.36 5.71
N PRO B 35 3.87 12.65 6.10
CA PRO B 35 4.08 13.04 7.50
C PRO B 35 3.07 12.39 8.45
N PHE B 36 1.90 12.05 7.95
CA PHE B 36 0.88 11.39 8.75
C PHE B 36 1.16 9.90 8.84
N LEU B 37 1.51 9.32 7.71
CA LEU B 37 1.75 7.89 7.60
C LEU B 37 2.99 7.47 8.37
N ARG B 38 3.86 8.43 8.64
CA ARG B 38 5.04 8.19 9.44
C ARG B 38 4.64 7.87 10.88
N GLY B 39 4.53 6.59 11.17
CA GLY B 39 4.16 6.14 12.49
C GLY B 39 2.77 5.55 12.56
N ILE B 40 2.24 5.08 11.42
CA ILE B 40 0.92 4.45 11.44
C ILE B 40 1.07 2.94 11.58
N ASN B 41 0.00 2.27 11.96
CA ASN B 41 -0.01 0.83 12.03
C ASN B 41 -1.03 0.31 11.05
N VAL B 42 -0.63 -0.64 10.22
CA VAL B 42 -1.52 -1.16 9.21
C VAL B 42 -1.73 -2.64 9.39
N VAL B 43 -2.97 -3.07 9.30
CA VAL B 43 -3.26 -4.48 9.26
C VAL B 43 -3.22 -4.91 7.81
N TYR B 44 -2.14 -5.55 7.43
CA TYR B 44 -1.95 -5.93 6.05
C TYR B 44 -2.70 -7.21 5.77
N THR B 45 -3.68 -7.12 4.90
CA THR B 45 -4.46 -8.28 4.52
C THR B 45 -3.88 -8.88 3.25
N PRO B 46 -3.16 -9.99 3.39
CA PRO B 46 -2.49 -10.63 2.27
C PRO B 46 -3.46 -11.37 1.37
N PRO B 47 -3.39 -11.13 0.05
CA PRO B 47 -4.19 -11.86 -0.93
C PRO B 47 -4.11 -13.35 -0.69
N GLN B 48 -5.23 -14.04 -0.87
CA GLN B 48 -5.36 -15.47 -0.52
C GLN B 48 -4.29 -16.34 -1.20
N SER B 49 -3.61 -15.80 -2.20
CA SER B 49 -2.58 -16.52 -2.92
C SER B 49 -1.27 -16.53 -2.12
N PHE B 50 -1.22 -15.80 -1.01
CA PHE B 50 -0.03 -15.73 -0.18
C PHE B 50 -0.12 -16.69 1.00
N GLN B 51 -1.30 -17.28 1.20
CA GLN B 51 -1.55 -18.24 2.27
C GLN B 51 -1.21 -17.66 3.65
N SER B 52 -1.38 -16.34 3.79
CA SER B 52 -0.99 -15.65 5.00
C SER B 52 -2.20 -15.05 5.71
N ALA B 53 -1.99 -14.61 6.95
CA ALA B 53 -3.03 -13.99 7.74
C ALA B 53 -2.73 -12.52 7.97
N PRO B 54 -3.75 -11.69 8.23
CA PRO B 54 -3.57 -10.25 8.48
C PRO B 54 -2.61 -9.97 9.61
N ARG B 55 -1.66 -9.07 9.37
CA ARG B 55 -0.62 -8.77 10.34
C ARG B 55 -0.34 -7.27 10.38
N VAL B 56 -0.05 -6.76 11.56
CA VAL B 56 0.15 -5.32 11.75
C VAL B 56 1.60 -4.93 11.48
N TYR B 57 1.79 -3.83 10.76
CA TYR B 57 3.13 -3.33 10.47
C TYR B 57 3.22 -1.86 10.82
N ARG B 58 4.40 -1.43 11.26
CA ARG B 58 4.66 -0.04 11.54
C ARG B 58 5.13 0.66 10.27
N VAL B 59 4.37 1.65 9.85
CA VAL B 59 4.66 2.38 8.62
C VAL B 59 5.45 3.64 8.92
N ASN B 60 6.55 3.83 8.21
CA ASN B 60 7.43 4.96 8.43
C ASN B 60 7.24 6.04 7.38
N GLY B 61 6.65 5.67 6.24
CA GLY B 61 6.40 6.65 5.21
C GLY B 61 5.89 6.03 3.92
N LEU B 62 6.42 6.52 2.80
CA LEU B 62 5.93 6.13 1.49
C LEU B 62 7.08 5.99 0.49
N SER B 63 6.80 5.33 -0.62
CA SER B 63 7.74 5.25 -1.71
C SER B 63 7.72 6.56 -2.49
N ARG B 64 8.61 6.71 -3.45
CA ARG B 64 8.75 7.96 -4.18
C ARG B 64 8.06 7.86 -5.54
N ALA B 65 7.72 6.65 -5.94
CA ALA B 65 7.02 6.42 -7.19
C ALA B 65 5.95 5.36 -7.01
N PRO B 66 4.94 5.36 -7.91
CA PRO B 66 3.86 4.35 -7.90
C PRO B 66 4.38 2.93 -8.06
N ALA B 67 3.55 1.97 -7.67
CA ALA B 67 3.90 0.56 -7.67
C ALA B 67 4.18 0.03 -9.07
N SER B 68 3.70 0.74 -10.07
CA SER B 68 3.94 0.35 -11.46
C SER B 68 5.24 0.95 -11.98
N SER B 69 5.82 1.86 -11.22
CA SER B 69 7.02 2.57 -11.67
C SER B 69 8.27 2.06 -10.96
N GLU B 70 8.18 1.86 -9.64
CA GLU B 70 9.32 1.36 -8.89
C GLU B 70 9.49 -0.14 -9.06
N THR B 71 10.73 -0.55 -9.30
CA THR B 71 11.04 -1.94 -9.60
C THR B 71 12.06 -2.50 -8.63
N PHE B 72 11.99 -3.80 -8.40
CA PHE B 72 13.04 -4.51 -7.69
C PHE B 72 13.66 -5.52 -8.65
N GLU B 73 14.94 -5.78 -8.50
CA GLU B 73 15.66 -6.57 -9.47
C GLU B 73 15.84 -8.01 -9.00
N HIS B 74 15.13 -8.90 -9.67
CA HIS B 74 15.20 -10.33 -9.35
C HIS B 74 15.82 -11.08 -10.52
N ASP B 75 16.93 -11.76 -10.25
CA ASP B 75 17.69 -12.49 -11.28
C ASP B 75 18.14 -11.55 -12.40
N GLY B 76 18.42 -10.31 -12.05
CA GLY B 76 18.88 -9.33 -13.02
C GLY B 76 17.75 -8.74 -13.85
N LYS B 77 16.52 -9.07 -13.49
CA LYS B 77 15.36 -8.58 -14.23
C LYS B 77 14.62 -7.56 -13.40
N LYS B 78 14.19 -6.48 -14.03
CA LYS B 78 13.49 -5.41 -13.35
C LYS B 78 11.99 -5.62 -13.39
N VAL B 79 11.43 -6.02 -12.25
CA VAL B 79 9.99 -6.19 -12.13
C VAL B 79 9.45 -5.22 -11.07
N THR B 80 8.26 -4.72 -11.28
CA THR B 80 7.68 -3.73 -10.38
C THR B 80 7.03 -4.41 -9.19
N ILE B 81 6.64 -3.63 -8.20
CA ILE B 81 5.89 -4.15 -7.06
C ILE B 81 4.62 -4.83 -7.58
N ALA B 82 3.96 -4.16 -8.52
CA ALA B 82 2.75 -4.67 -9.13
C ALA B 82 3.01 -5.98 -9.86
N SER B 83 4.19 -6.09 -10.47
CA SER B 83 4.57 -7.29 -11.20
C SER B 83 4.66 -8.51 -10.26
N TYR B 84 5.16 -8.27 -9.05
CA TYR B 84 5.28 -9.34 -8.06
C TYR B 84 3.91 -9.89 -7.69
N PHE B 85 2.99 -8.99 -7.38
CA PHE B 85 1.63 -9.39 -7.04
C PHE B 85 0.92 -10.00 -8.24
N HIS B 86 1.20 -9.47 -9.43
CA HIS B 86 0.67 -10.01 -10.67
C HIS B 86 1.07 -11.48 -10.82
N SER B 87 2.27 -11.82 -10.37
CA SER B 87 2.75 -13.19 -10.41
C SER B 87 1.90 -14.09 -9.51
N ARG B 88 1.27 -13.48 -8.51
CA ARG B 88 0.40 -14.20 -7.59
C ARG B 88 -1.03 -14.21 -8.13
N ASN B 89 -1.15 -13.99 -9.45
CA ASN B 89 -2.43 -13.92 -10.12
C ASN B 89 -3.26 -12.79 -9.54
N TYR B 90 -2.58 -11.75 -9.12
CA TYR B 90 -3.23 -10.63 -8.47
C TYR B 90 -2.85 -9.31 -9.14
N PRO B 91 -3.59 -8.93 -10.18
CA PRO B 91 -3.39 -7.63 -10.82
C PRO B 91 -3.95 -6.51 -9.95
N LEU B 92 -3.05 -5.67 -9.44
CA LEU B 92 -3.44 -4.57 -8.56
C LEU B 92 -4.46 -3.67 -9.25
N LYS B 93 -5.48 -3.28 -8.51
CA LYS B 93 -6.58 -2.53 -9.09
C LYS B 93 -6.25 -1.05 -9.15
N PHE B 94 -5.27 -0.63 -8.35
CA PHE B 94 -4.80 0.74 -8.37
C PHE B 94 -3.27 0.77 -8.49
N PRO B 95 -2.70 0.36 -9.64
CA PRO B 95 -1.25 0.33 -9.84
C PRO B 95 -0.61 1.72 -9.77
N GLN B 96 -1.45 2.75 -9.83
CA GLN B 96 -0.98 4.13 -9.80
C GLN B 96 -0.67 4.57 -8.36
N LEU B 97 -0.94 3.70 -7.40
CA LEU B 97 -0.74 4.03 -6.00
C LEU B 97 0.75 4.11 -5.66
N HIS B 98 1.09 5.04 -4.78
CA HIS B 98 2.41 5.09 -4.19
C HIS B 98 2.48 4.13 -3.03
N CYS B 99 3.53 3.34 -2.99
CA CYS B 99 3.66 2.25 -2.04
C CYS B 99 3.95 2.75 -0.63
N LEU B 100 3.63 1.90 0.34
CA LEU B 100 3.73 2.19 1.74
C LEU B 100 5.08 1.76 2.28
N ASN B 101 5.88 2.70 2.78
CA ASN B 101 7.17 2.35 3.35
C ASN B 101 6.98 1.78 4.73
N VAL B 102 7.04 0.47 4.78
CA VAL B 102 6.84 -0.26 6.01
C VAL B 102 8.04 -1.14 6.28
N GLY B 103 7.88 -2.01 7.26
CA GLY B 103 8.92 -2.96 7.59
C GLY B 103 9.83 -2.45 8.68
N SER B 104 11.10 -2.30 8.34
CA SER B 104 12.09 -1.82 9.31
C SER B 104 13.24 -1.14 8.57
N SER B 105 14.24 -0.67 9.30
CA SER B 105 15.43 -0.13 8.67
C SER B 105 16.11 -1.20 7.82
N ILE B 106 16.10 -2.43 8.31
CA ILE B 106 16.66 -3.55 7.57
C ILE B 106 15.72 -4.00 6.45
N LYS B 107 14.44 -4.10 6.76
CA LYS B 107 13.44 -4.46 5.76
C LYS B 107 12.76 -3.24 5.20
N SER B 108 13.36 -2.64 4.18
CA SER B 108 12.73 -1.54 3.49
C SER B 108 11.74 -2.09 2.48
N ILE B 109 10.51 -2.29 2.92
CA ILE B 109 9.50 -2.90 2.07
C ILE B 109 8.37 -1.90 1.82
N LEU B 110 8.06 -1.73 0.54
CA LEU B 110 7.03 -0.81 0.13
C LEU B 110 5.78 -1.59 -0.26
N LEU B 111 4.70 -1.40 0.48
CA LEU B 111 3.51 -2.25 0.33
C LEU B 111 2.40 -1.49 -0.37
N PRO B 112 1.69 -2.14 -1.31
CA PRO B 112 0.56 -1.53 -1.98
C PRO B 112 -0.53 -1.12 -0.98
N ILE B 113 -0.74 0.19 -0.88
CA ILE B 113 -1.72 0.76 0.06
C ILE B 113 -3.11 0.16 -0.17
N GLU B 114 -3.33 -0.36 -1.39
CA GLU B 114 -4.58 -1.03 -1.75
C GLU B 114 -4.87 -2.21 -0.81
N LEU B 115 -3.83 -2.93 -0.41
CA LEU B 115 -4.00 -4.15 0.36
C LEU B 115 -3.75 -3.90 1.84
N CYS B 116 -3.59 -2.64 2.21
CA CYS B 116 -3.37 -2.28 3.61
C CYS B 116 -4.67 -1.84 4.26
N SER B 117 -4.97 -2.40 5.41
CA SER B 117 -6.17 -2.01 6.13
C SER B 117 -5.80 -1.17 7.35
N ILE B 118 -6.31 0.05 7.37
CA ILE B 118 -6.13 0.93 8.49
C ILE B 118 -7.40 0.92 9.33
N GLU B 119 -7.26 0.69 10.61
CA GLU B 119 -8.45 0.57 11.46
C GLU B 119 -8.93 1.95 11.91
N GLU B 120 -10.21 2.22 11.69
CA GLU B 120 -10.79 3.52 12.03
C GLU B 120 -11.09 3.59 13.52
N GLY B 121 -11.07 2.43 14.18
CA GLY B 121 -11.33 2.37 15.59
C GLY B 121 -10.09 2.68 16.42
N GLN B 122 -9.44 3.79 16.07
CA GLN B 122 -8.27 4.24 16.81
C GLN B 122 -8.67 4.76 18.18
N ALA B 123 -9.60 5.70 18.16
CA ALA B 123 -10.14 6.31 19.36
C ALA B 123 -11.31 7.22 19.00
N GLY B 1 -17.06 -6.62 13.30
CA GLY B 1 -15.87 -6.75 14.17
C GLY B 1 -15.23 -5.40 14.46
N ALA B 2 -13.90 -5.40 14.58
CA ALA B 2 -13.18 -4.16 14.81
C ALA B 2 -13.23 -3.28 13.57
N MET B 3 -13.30 -1.97 13.77
CA MET B 3 -13.39 -1.04 12.67
C MET B 3 -12.04 -0.83 12.01
N ALA B 4 -11.68 -1.78 11.16
CA ALA B 4 -10.49 -1.67 10.34
C ALA B 4 -10.86 -1.06 9.00
N MET B 5 -10.38 0.13 8.74
CA MET B 5 -10.77 0.88 7.55
C MET B 5 -9.86 0.56 6.38
N PRO B 6 -10.41 0.08 5.26
CA PRO B 6 -9.65 -0.05 4.02
C PRO B 6 -9.01 1.28 3.68
N MET B 7 -7.68 1.29 3.57
CA MET B 7 -6.93 2.53 3.46
C MET B 7 -7.35 3.37 2.25
N ILE B 8 -7.80 2.70 1.21
CA ILE B 8 -8.32 3.42 0.04
C ILE B 8 -9.56 4.22 0.43
N GLU B 9 -10.47 3.57 1.15
CA GLU B 9 -11.67 4.23 1.65
C GLU B 9 -11.29 5.35 2.61
N TYR B 10 -10.26 5.11 3.41
CA TYR B 10 -9.75 6.11 4.35
C TYR B 10 -9.38 7.39 3.59
N LEU B 11 -8.66 7.22 2.49
CA LEU B 11 -8.24 8.35 1.67
C LEU B 11 -9.42 9.00 0.96
N GLU B 12 -10.39 8.18 0.53
CA GLU B 12 -11.60 8.71 -0.08
C GLU B 12 -12.31 9.66 0.87
N ARG B 13 -12.50 9.21 2.09
CA ARG B 13 -13.29 9.94 3.08
C ARG B 13 -12.54 11.15 3.63
N PHE B 14 -11.28 10.97 3.98
CA PHE B 14 -10.56 12.02 4.71
C PHE B 14 -9.59 12.82 3.83
N SER B 15 -9.11 12.23 2.76
CA SER B 15 -8.05 12.87 1.97
C SER B 15 -8.60 13.60 0.75
N LEU B 16 -9.38 12.91 -0.07
CA LEU B 16 -9.93 13.53 -1.28
C LEU B 16 -11.34 14.04 -1.06
N LYS B 17 -12.00 13.50 -0.03
CA LYS B 17 -13.39 13.84 0.30
C LYS B 17 -14.31 13.42 -0.85
N ALA B 18 -13.85 12.45 -1.63
CA ALA B 18 -14.57 12.00 -2.81
C ALA B 18 -14.30 10.52 -3.03
N LYS B 19 -14.34 10.07 -4.28
CA LYS B 19 -14.11 8.67 -4.59
C LYS B 19 -12.76 8.46 -5.27
N ILE B 20 -12.09 7.39 -4.87
CA ILE B 20 -10.87 6.94 -5.54
C ILE B 20 -11.25 6.20 -6.81
N ASN B 21 -10.62 6.54 -7.92
CA ASN B 21 -10.98 5.95 -9.20
C ASN B 21 -9.73 5.51 -9.96
N ASN B 22 -9.93 4.91 -11.11
CA ASN B 22 -8.82 4.47 -11.95
C ASN B 22 -8.15 5.66 -12.61
N THR B 23 -8.86 6.78 -12.61
CA THR B 23 -8.39 7.98 -13.28
C THR B 23 -7.65 8.90 -12.32
N THR B 24 -7.74 8.62 -11.03
CA THR B 24 -7.09 9.43 -10.03
C THR B 24 -5.68 8.92 -9.76
N ASN B 25 -4.68 9.76 -10.03
CA ASN B 25 -3.31 9.45 -9.63
C ASN B 25 -3.16 9.75 -8.15
N LEU B 26 -2.94 8.70 -7.36
CA LEU B 26 -2.89 8.83 -5.92
C LEU B 26 -1.82 9.83 -5.48
N ASP B 27 -0.82 10.05 -6.32
CA ASP B 27 0.23 11.02 -6.04
C ASP B 27 -0.33 12.37 -5.59
N TYR B 28 -1.46 12.76 -6.17
CA TYR B 28 -2.08 14.05 -5.91
C TYR B 28 -2.53 14.19 -4.45
N SER B 29 -2.67 13.07 -3.75
CA SER B 29 -2.90 13.11 -2.31
C SER B 29 -1.74 12.46 -1.56
N ARG B 30 -1.33 11.30 -2.06
CA ARG B 30 -0.45 10.38 -1.35
C ARG B 30 0.89 11.02 -0.99
N ARG B 31 1.47 11.73 -1.94
CA ARG B 31 2.80 12.33 -1.74
C ARG B 31 2.77 13.41 -0.66
N PHE B 32 1.61 14.01 -0.44
CA PHE B 32 1.48 15.04 0.58
C PHE B 32 1.14 14.42 1.93
N LEU B 33 0.67 13.18 1.87
CA LEU B 33 0.19 12.49 3.06
C LEU B 33 1.33 11.80 3.82
N GLU B 34 2.55 11.90 3.28
CA GLU B 34 3.72 11.27 3.88
C GLU B 34 3.83 11.49 5.41
N PRO B 35 3.78 12.76 5.89
CA PRO B 35 3.90 13.03 7.32
C PRO B 35 2.75 12.43 8.14
N PHE B 36 1.65 12.13 7.46
CA PHE B 36 0.50 11.52 8.12
C PHE B 36 0.66 10.01 8.19
N LEU B 37 1.18 9.41 7.12
CA LEU B 37 1.44 7.97 7.08
C LEU B 37 2.53 7.60 8.07
N ARG B 38 3.38 8.57 8.37
CA ARG B 38 4.49 8.37 9.28
C ARG B 38 4.01 8.00 10.68
N GLY B 39 4.10 6.72 11.00
CA GLY B 39 3.79 6.27 12.35
C GLY B 39 2.43 5.60 12.46
N ILE B 40 1.87 5.14 11.35
CA ILE B 40 0.56 4.51 11.40
C ILE B 40 0.68 2.99 11.52
N ASN B 41 -0.44 2.34 11.80
CA ASN B 41 -0.48 0.89 11.91
C ASN B 41 -1.44 0.34 10.86
N VAL B 42 -0.97 -0.58 10.04
CA VAL B 42 -1.81 -1.13 8.99
C VAL B 42 -1.98 -2.61 9.15
N VAL B 43 -3.20 -3.08 9.01
CA VAL B 43 -3.47 -4.49 8.94
C VAL B 43 -3.45 -4.89 7.49
N TYR B 44 -2.36 -5.52 7.08
CA TYR B 44 -2.13 -5.84 5.69
C TYR B 44 -2.72 -7.19 5.35
N THR B 45 -3.66 -7.18 4.41
CA THR B 45 -4.27 -8.42 3.94
C THR B 45 -3.58 -8.86 2.65
N PRO B 46 -2.73 -9.89 2.72
CA PRO B 46 -1.99 -10.39 1.58
C PRO B 46 -2.88 -11.20 0.64
N PRO B 47 -2.59 -11.12 -0.68
CA PRO B 47 -3.29 -11.91 -1.68
C PRO B 47 -3.28 -13.40 -1.33
N GLN B 48 -4.42 -14.04 -1.53
CA GLN B 48 -4.64 -15.43 -1.12
C GLN B 48 -3.59 -16.39 -1.70
N SER B 49 -2.99 -16.03 -2.83
CA SER B 49 -2.02 -16.90 -3.47
C SER B 49 -0.67 -16.88 -2.73
N PHE B 50 -0.54 -15.98 -1.76
CA PHE B 50 0.68 -15.91 -0.94
C PHE B 50 0.56 -16.78 0.29
N GLN B 51 -0.65 -17.27 0.55
CA GLN B 51 -0.96 -18.12 1.70
C GLN B 51 -0.53 -17.46 3.01
N SER B 52 -0.58 -16.13 3.03
CA SER B 52 -0.17 -15.38 4.21
C SER B 52 -1.39 -14.80 4.92
N ALA B 53 -1.21 -14.36 6.15
CA ALA B 53 -2.30 -13.85 6.96
C ALA B 53 -2.09 -12.36 7.26
N PRO B 54 -3.18 -11.64 7.60
CA PRO B 54 -3.12 -10.20 7.93
C PRO B 54 -2.15 -9.91 9.06
N ARG B 55 -1.31 -8.90 8.85
CA ARG B 55 -0.29 -8.52 9.82
C ARG B 55 -0.39 -7.03 10.10
N VAL B 56 0.12 -6.60 11.24
CA VAL B 56 0.13 -5.19 11.59
C VAL B 56 1.51 -4.59 11.34
N TYR B 57 1.57 -3.60 10.45
CA TYR B 57 2.83 -2.96 10.10
C TYR B 57 2.86 -1.53 10.61
N ARG B 58 3.99 -1.13 11.18
CA ARG B 58 4.17 0.25 11.60
C ARG B 58 4.75 1.04 10.44
N VAL B 59 3.88 1.70 9.70
CA VAL B 59 4.26 2.42 8.50
C VAL B 59 5.04 3.67 8.86
N ASN B 60 6.27 3.75 8.39
CA ASN B 60 7.16 4.86 8.72
C ASN B 60 6.93 6.02 7.77
N GLY B 61 6.44 5.71 6.57
CA GLY B 61 6.08 6.75 5.63
C GLY B 61 5.70 6.18 4.29
N LEU B 62 6.04 6.89 3.22
CA LEU B 62 5.67 6.47 1.89
C LEU B 62 6.84 6.60 0.93
N SER B 63 6.75 5.90 -0.18
CA SER B 63 7.77 5.98 -1.20
C SER B 63 7.37 7.02 -2.24
N ARG B 64 8.37 7.54 -2.95
CA ARG B 64 8.15 8.61 -3.92
C ARG B 64 7.73 8.04 -5.27
N ALA B 65 7.77 6.72 -5.39
CA ALA B 65 7.42 6.05 -6.63
C ALA B 65 6.39 4.95 -6.41
N PRO B 66 5.49 4.77 -7.39
CA PRO B 66 4.49 3.71 -7.35
C PRO B 66 5.10 2.33 -7.57
N ALA B 67 4.41 1.30 -7.08
CA ALA B 67 4.90 -0.07 -7.13
C ALA B 67 4.93 -0.62 -8.56
N SER B 68 4.38 0.15 -9.49
CA SER B 68 4.38 -0.25 -10.89
C SER B 68 5.66 0.21 -11.57
N SER B 69 6.49 0.97 -10.85
CA SER B 69 7.73 1.48 -11.40
C SER B 69 8.93 0.78 -10.76
N GLU B 70 8.88 0.61 -9.43
CA GLU B 70 9.98 0.02 -8.69
C GLU B 70 10.16 -1.46 -9.04
N THR B 71 11.41 -1.86 -9.18
CA THR B 71 11.75 -3.21 -9.60
C THR B 71 12.65 -3.92 -8.59
N PHE B 72 12.59 -5.24 -8.58
CA PHE B 72 13.51 -6.03 -7.81
C PHE B 72 14.04 -7.17 -8.69
N GLU B 73 15.28 -7.54 -8.48
CA GLU B 73 15.90 -8.56 -9.30
C GLU B 73 15.77 -9.93 -8.65
N HIS B 74 14.90 -10.75 -9.20
CA HIS B 74 14.71 -12.10 -8.72
C HIS B 74 15.16 -13.08 -9.78
N ASP B 75 16.20 -13.87 -9.46
CA ASP B 75 16.75 -14.86 -10.38
C ASP B 75 17.44 -14.16 -11.54
N GLY B 76 17.93 -12.95 -11.30
CA GLY B 76 18.54 -12.17 -12.36
C GLY B 76 17.50 -11.52 -13.25
N LYS B 77 16.24 -11.70 -12.88
CA LYS B 77 15.12 -11.18 -13.63
C LYS B 77 14.50 -9.99 -12.92
N LYS B 78 14.42 -8.87 -13.61
CA LYS B 78 13.90 -7.65 -13.01
C LYS B 78 12.42 -7.48 -13.31
N VAL B 79 11.61 -7.57 -12.26
CA VAL B 79 10.17 -7.34 -12.38
C VAL B 79 9.75 -6.29 -11.37
N THR B 80 8.70 -5.55 -11.69
CA THR B 80 8.21 -4.51 -10.81
C THR B 80 7.46 -5.12 -9.63
N ILE B 81 7.28 -4.34 -8.56
CA ILE B 81 6.55 -4.81 -7.39
C ILE B 81 5.16 -5.31 -7.80
N ALA B 82 4.52 -4.56 -8.68
CA ALA B 82 3.18 -4.90 -9.18
C ALA B 82 3.20 -6.22 -9.95
N SER B 83 4.34 -6.54 -10.56
CA SER B 83 4.47 -7.79 -11.31
C SER B 83 4.58 -8.97 -10.36
N TYR B 84 5.17 -8.73 -9.20
CA TYR B 84 5.31 -9.75 -8.17
C TYR B 84 3.93 -10.20 -7.68
N PHE B 85 3.08 -9.23 -7.37
CA PHE B 85 1.72 -9.50 -6.96
C PHE B 85 0.92 -10.07 -8.12
N HIS B 86 1.16 -9.54 -9.32
CA HIS B 86 0.47 -9.99 -10.53
C HIS B 86 0.72 -11.48 -10.77
N SER B 87 1.94 -11.93 -10.46
CA SER B 87 2.30 -13.33 -10.59
C SER B 87 1.45 -14.20 -9.66
N ARG B 88 0.97 -13.60 -8.58
CA ARG B 88 0.09 -14.28 -7.64
C ARG B 88 -1.38 -14.03 -7.98
N ASN B 89 -1.62 -13.80 -9.27
CA ASN B 89 -2.97 -13.62 -9.80
C ASN B 89 -3.58 -12.35 -9.21
N TYR B 90 -2.77 -11.33 -9.05
CA TYR B 90 -3.23 -10.11 -8.44
C TYR B 90 -2.81 -8.89 -9.24
N PRO B 91 -3.59 -8.54 -10.28
CA PRO B 91 -3.39 -7.31 -11.02
C PRO B 91 -3.90 -6.10 -10.24
N LEU B 92 -3.00 -5.19 -9.91
CA LEU B 92 -3.37 -4.01 -9.13
C LEU B 92 -4.38 -3.17 -9.89
N LYS B 93 -5.40 -2.72 -9.18
CA LYS B 93 -6.44 -1.90 -9.78
C LYS B 93 -5.95 -0.47 -9.88
N PHE B 94 -5.01 -0.14 -9.01
CA PHE B 94 -4.43 1.18 -8.97
C PHE B 94 -2.91 1.08 -8.97
N PRO B 95 -2.31 0.80 -10.14
CA PRO B 95 -0.85 0.70 -10.30
C PRO B 95 -0.15 2.02 -9.96
N GLN B 96 -0.95 3.09 -9.86
CA GLN B 96 -0.44 4.42 -9.59
C GLN B 96 -0.33 4.63 -8.07
N LEU B 97 -0.35 3.55 -7.32
CA LEU B 97 -0.32 3.63 -5.87
C LEU B 97 1.08 3.81 -5.32
N HIS B 98 1.29 4.91 -4.63
CA HIS B 98 2.47 5.08 -3.81
C HIS B 98 2.32 4.27 -2.54
N CYS B 99 3.13 3.25 -2.43
CA CYS B 99 2.97 2.25 -1.39
C CYS B 99 3.61 2.66 -0.07
N LEU B 100 3.27 1.91 0.98
CA LEU B 100 3.75 2.18 2.33
C LEU B 100 5.21 1.87 2.44
N ASN B 101 6.01 2.84 2.83
CA ASN B 101 7.37 2.54 3.18
C ASN B 101 7.40 2.05 4.60
N VAL B 102 7.26 0.74 4.72
CA VAL B 102 7.15 0.11 6.00
C VAL B 102 8.38 -0.77 6.24
N GLY B 103 8.29 -1.62 7.24
CA GLY B 103 9.39 -2.49 7.59
C GLY B 103 10.30 -1.85 8.61
N SER B 104 11.59 -2.13 8.49
CA SER B 104 12.58 -1.59 9.40
C SER B 104 13.70 -0.97 8.57
N SER B 105 14.73 -0.46 9.24
CA SER B 105 15.88 0.10 8.54
C SER B 105 16.51 -0.95 7.60
N ILE B 106 16.49 -2.20 8.04
CA ILE B 106 17.04 -3.30 7.27
C ILE B 106 16.02 -3.79 6.22
N LYS B 107 14.75 -3.47 6.43
CA LYS B 107 13.70 -3.89 5.53
C LYS B 107 12.91 -2.70 5.02
N SER B 108 13.40 -2.07 3.97
CA SER B 108 12.68 -0.98 3.35
C SER B 108 11.71 -1.54 2.34
N ILE B 109 10.50 -1.82 2.80
CA ILE B 109 9.52 -2.52 1.99
C ILE B 109 8.31 -1.66 1.71
N LEU B 110 7.94 -1.59 0.44
CA LEU B 110 6.81 -0.78 -0.01
C LEU B 110 5.56 -1.66 -0.07
N LEU B 111 4.55 -1.35 0.74
CA LEU B 111 3.36 -2.18 0.79
C LEU B 111 2.16 -1.49 0.15
N PRO B 112 1.61 -2.11 -0.91
CA PRO B 112 0.44 -1.57 -1.63
C PRO B 112 -0.72 -1.23 -0.71
N ILE B 113 -1.10 0.05 -0.70
CA ILE B 113 -2.16 0.54 0.18
C ILE B 113 -3.52 -0.09 -0.18
N GLU B 114 -3.64 -0.59 -1.40
CA GLU B 114 -4.88 -1.24 -1.86
C GLU B 114 -5.22 -2.44 -0.98
N LEU B 115 -4.20 -3.03 -0.36
CA LEU B 115 -4.38 -4.25 0.43
C LEU B 115 -4.19 -3.96 1.91
N CYS B 116 -4.34 -2.71 2.30
CA CYS B 116 -4.09 -2.32 3.68
C CYS B 116 -5.37 -1.85 4.36
N SER B 117 -5.60 -2.37 5.56
CA SER B 117 -6.70 -1.92 6.39
C SER B 117 -6.15 -1.21 7.61
N ILE B 118 -6.33 0.09 7.65
CA ILE B 118 -5.82 0.90 8.73
C ILE B 118 -6.80 0.89 9.89
N GLU B 119 -6.37 0.34 11.00
CA GLU B 119 -7.18 0.36 12.19
C GLU B 119 -7.23 1.78 12.74
N GLU B 120 -8.34 2.16 13.34
CA GLU B 120 -8.47 3.50 13.91
C GLU B 120 -7.48 3.67 15.06
N GLY B 121 -7.40 2.63 15.88
CA GLY B 121 -6.49 2.67 17.01
C GLY B 121 -6.59 1.45 17.90
N GLN B 122 -6.54 0.26 17.29
CA GLN B 122 -6.60 -0.97 18.07
C GLN B 122 -5.18 -1.40 18.47
N ALA B 123 -4.29 -1.37 17.50
CA ALA B 123 -2.88 -1.66 17.73
C ALA B 123 -2.23 -0.55 18.55
N GLY B 1 -10.92 -6.01 14.32
CA GLY B 1 -12.01 -6.58 13.52
C GLY B 1 -13.27 -5.73 13.53
N ALA B 2 -13.89 -5.60 12.35
CA ALA B 2 -15.14 -4.83 12.19
C ALA B 2 -14.93 -3.35 12.48
N MET B 3 -13.68 -2.92 12.49
CA MET B 3 -13.33 -1.52 12.71
C MET B 3 -12.18 -1.16 11.79
N ALA B 4 -12.13 -1.82 10.66
CA ALA B 4 -11.00 -1.74 9.77
C ALA B 4 -11.34 -0.97 8.51
N MET B 5 -10.73 0.19 8.34
CA MET B 5 -10.94 1.01 7.17
C MET B 5 -9.87 0.72 6.12
N PRO B 6 -10.27 0.37 4.90
CA PRO B 6 -9.32 0.28 3.80
C PRO B 6 -8.64 1.63 3.60
N MET B 7 -7.31 1.64 3.57
CA MET B 7 -6.55 2.89 3.48
C MET B 7 -6.89 3.67 2.22
N ILE B 8 -7.46 3.00 1.24
CA ILE B 8 -7.98 3.64 0.04
C ILE B 8 -9.24 4.44 0.38
N GLU B 9 -10.14 3.79 1.10
CA GLU B 9 -11.37 4.43 1.57
C GLU B 9 -11.06 5.50 2.61
N TYR B 10 -9.91 5.35 3.27
CA TYR B 10 -9.44 6.34 4.23
C TYR B 10 -9.13 7.65 3.50
N LEU B 11 -8.46 7.54 2.37
CA LEU B 11 -8.14 8.70 1.54
C LEU B 11 -9.40 9.35 1.00
N GLU B 12 -10.40 8.52 0.76
CA GLU B 12 -11.70 8.99 0.30
C GLU B 12 -12.32 9.98 1.28
N ARG B 13 -12.43 9.56 2.52
CA ARG B 13 -13.20 10.31 3.51
C ARG B 13 -12.44 11.52 4.04
N PHE B 14 -11.12 11.43 4.10
CA PHE B 14 -10.33 12.46 4.77
C PHE B 14 -9.47 13.27 3.81
N SER B 15 -9.01 12.66 2.73
CA SER B 15 -8.00 13.31 1.88
C SER B 15 -8.61 13.96 0.65
N LEU B 16 -9.38 13.21 -0.12
CA LEU B 16 -9.86 13.69 -1.41
C LEU B 16 -11.31 14.12 -1.36
N LYS B 17 -12.11 13.44 -0.54
CA LYS B 17 -13.56 13.68 -0.46
C LYS B 17 -14.24 13.37 -1.79
N ALA B 18 -13.54 12.62 -2.63
CA ALA B 18 -14.04 12.23 -3.93
C ALA B 18 -14.20 10.71 -3.96
N LYS B 19 -14.24 10.14 -5.15
CA LYS B 19 -14.22 8.68 -5.29
C LYS B 19 -12.92 8.24 -5.95
N ILE B 20 -12.20 7.39 -5.25
CA ILE B 20 -11.00 6.76 -5.77
C ILE B 20 -11.36 5.88 -6.97
N ASN B 21 -10.90 6.28 -8.15
CA ASN B 21 -11.08 5.49 -9.35
C ASN B 21 -9.73 5.15 -9.95
N ASN B 22 -9.72 4.45 -11.07
CA ASN B 22 -8.47 4.04 -11.72
C ASN B 22 -7.74 5.26 -12.30
N THR B 23 -8.50 6.27 -12.70
CA THR B 23 -7.92 7.46 -13.32
C THR B 23 -7.32 8.41 -12.28
N THR B 24 -7.72 8.28 -11.02
CA THR B 24 -7.20 9.14 -9.98
C THR B 24 -5.83 8.69 -9.54
N ASN B 25 -4.84 9.56 -9.68
CA ASN B 25 -3.49 9.27 -9.26
C ASN B 25 -3.35 9.50 -7.77
N LEU B 26 -2.90 8.48 -7.06
CA LEU B 26 -2.69 8.57 -5.62
C LEU B 26 -1.53 9.51 -5.31
N ASP B 27 -0.76 9.82 -6.35
CA ASP B 27 0.42 10.69 -6.25
C ASP B 27 0.15 11.93 -5.42
N TYR B 28 -0.87 12.68 -5.80
CA TYR B 28 -1.12 13.99 -5.22
C TYR B 28 -1.38 13.89 -3.72
N SER B 29 -2.22 12.96 -3.30
CA SER B 29 -2.59 12.89 -1.89
C SER B 29 -1.51 12.17 -1.11
N ARG B 30 -0.93 11.16 -1.74
CA ARG B 30 0.10 10.35 -1.11
C ARG B 30 1.29 11.22 -0.76
N ARG B 31 1.61 12.14 -1.67
CA ARG B 31 2.71 13.06 -1.51
C ARG B 31 2.47 14.01 -0.33
N PHE B 32 1.23 14.44 -0.15
CA PHE B 32 0.90 15.37 0.93
C PHE B 32 0.88 14.64 2.27
N LEU B 33 0.45 13.39 2.22
CA LEU B 33 0.15 12.63 3.43
C LEU B 33 1.36 11.87 3.97
N GLU B 34 2.54 12.04 3.34
CA GLU B 34 3.76 11.37 3.77
C GLU B 34 4.01 11.55 5.29
N PRO B 35 4.00 12.79 5.83
CA PRO B 35 4.21 13.04 7.26
C PRO B 35 3.16 12.35 8.13
N PHE B 36 1.97 12.15 7.58
CA PHE B 36 0.89 11.49 8.30
C PHE B 36 1.12 9.98 8.33
N LEU B 37 1.65 9.45 7.24
CA LEU B 37 1.89 8.01 7.12
C LEU B 37 2.95 7.55 8.11
N ARG B 38 3.87 8.43 8.45
CA ARG B 38 4.91 8.12 9.41
C ARG B 38 4.31 7.84 10.78
N GLY B 39 4.28 6.58 11.17
CA GLY B 39 3.85 6.21 12.50
C GLY B 39 2.43 5.72 12.56
N ILE B 40 1.94 5.10 11.50
CA ILE B 40 0.59 4.55 11.52
C ILE B 40 0.64 3.03 11.58
N ASN B 41 -0.51 2.40 11.74
CA ASN B 41 -0.59 0.95 11.74
C ASN B 41 -1.50 0.48 10.61
N VAL B 42 -1.09 -0.55 9.91
CA VAL B 42 -1.93 -1.11 8.86
C VAL B 42 -2.04 -2.61 9.05
N VAL B 43 -3.25 -3.11 8.96
CA VAL B 43 -3.46 -4.55 8.91
C VAL B 43 -3.45 -4.97 7.46
N TYR B 44 -2.36 -5.58 7.04
CA TYR B 44 -2.18 -5.97 5.67
C TYR B 44 -2.86 -7.30 5.40
N THR B 45 -3.81 -7.29 4.49
CA THR B 45 -4.50 -8.50 4.12
C THR B 45 -3.94 -9.07 2.82
N PRO B 46 -3.16 -10.15 2.91
CA PRO B 46 -2.57 -10.79 1.74
C PRO B 46 -3.60 -11.64 1.00
N PRO B 47 -3.56 -11.62 -0.34
CA PRO B 47 -4.51 -12.36 -1.19
C PRO B 47 -4.43 -13.85 -0.96
N GLN B 48 -5.55 -14.53 -1.24
CA GLN B 48 -5.69 -15.98 -1.03
C GLN B 48 -4.61 -16.76 -1.77
N SER B 49 -3.96 -16.11 -2.73
CA SER B 49 -2.91 -16.74 -3.52
C SER B 49 -1.61 -16.87 -2.71
N PHE B 50 -1.52 -16.13 -1.61
CA PHE B 50 -0.32 -16.15 -0.78
C PHE B 50 -0.45 -17.08 0.41
N GLN B 51 -1.69 -17.30 0.87
CA GLN B 51 -1.98 -18.18 2.00
C GLN B 51 -1.22 -17.74 3.26
N SER B 52 -1.02 -16.45 3.39
CA SER B 52 -0.25 -15.91 4.51
C SER B 52 -1.21 -15.37 5.57
N ALA B 53 -0.65 -14.77 6.61
CA ALA B 53 -1.46 -14.27 7.72
C ALA B 53 -1.45 -12.75 7.74
N PRO B 54 -2.63 -12.12 7.89
CA PRO B 54 -2.74 -10.66 7.99
C PRO B 54 -1.93 -10.11 9.15
N ARG B 55 -1.14 -9.08 8.88
CA ARG B 55 -0.22 -8.54 9.87
C ARG B 55 -0.44 -7.06 10.07
N VAL B 56 -0.22 -6.58 11.29
CA VAL B 56 -0.29 -5.15 11.56
C VAL B 56 1.12 -4.56 11.53
N TYR B 57 1.33 -3.57 10.67
CA TYR B 57 2.66 -3.00 10.50
C TYR B 57 2.69 -1.53 10.89
N ARG B 58 3.74 -1.16 11.60
CA ARG B 58 4.00 0.24 11.89
C ARG B 58 4.60 0.90 10.65
N VAL B 59 3.77 1.62 9.93
CA VAL B 59 4.17 2.27 8.70
C VAL B 59 5.08 3.45 8.98
N ASN B 60 6.23 3.44 8.31
CA ASN B 60 7.26 4.46 8.50
C ASN B 60 7.00 5.68 7.62
N GLY B 61 6.42 5.44 6.46
CA GLY B 61 6.12 6.53 5.55
C GLY B 61 5.67 6.05 4.19
N LEU B 62 6.19 6.67 3.14
CA LEU B 62 5.73 6.40 1.79
C LEU B 62 6.86 6.43 0.77
N SER B 63 6.58 5.82 -0.37
CA SER B 63 7.47 5.88 -1.52
C SER B 63 7.08 7.09 -2.36
N ARG B 64 8.03 7.58 -3.13
CA ARG B 64 7.81 8.76 -3.95
C ARG B 64 7.48 8.37 -5.38
N ALA B 65 7.54 7.07 -5.64
CA ALA B 65 7.24 6.53 -6.96
C ALA B 65 6.13 5.49 -6.86
N PRO B 66 5.25 5.43 -7.88
CA PRO B 66 4.17 4.45 -7.92
C PRO B 66 4.68 3.02 -8.17
N ALA B 67 3.90 2.05 -7.70
CA ALA B 67 4.28 0.64 -7.78
C ALA B 67 4.40 0.15 -9.22
N SER B 68 3.85 0.91 -10.15
CA SER B 68 3.95 0.59 -11.56
C SER B 68 5.29 1.05 -12.13
N SER B 69 6.00 1.86 -11.36
CA SER B 69 7.27 2.41 -11.81
C SER B 69 8.44 1.66 -11.18
N GLU B 70 8.37 1.47 -9.86
CA GLU B 70 9.46 0.84 -9.13
C GLU B 70 9.64 -0.62 -9.56
N THR B 71 10.87 -0.96 -9.94
CA THR B 71 11.16 -2.29 -10.47
C THR B 71 11.94 -3.12 -9.44
N PHE B 72 11.68 -4.42 -9.49
CA PHE B 72 12.31 -5.39 -8.61
C PHE B 72 13.08 -6.38 -9.48
N GLU B 73 14.24 -6.84 -9.01
CA GLU B 73 15.02 -7.78 -9.80
C GLU B 73 15.00 -9.17 -9.17
N HIS B 74 14.29 -10.07 -9.83
CA HIS B 74 14.22 -11.45 -9.40
C HIS B 74 15.04 -12.34 -10.33
N ASP B 75 16.12 -12.90 -9.79
CA ASP B 75 16.96 -13.84 -10.55
C ASP B 75 17.58 -13.15 -11.78
N GLY B 76 17.76 -11.84 -11.67
CA GLY B 76 18.35 -11.10 -12.76
C GLY B 76 17.30 -10.59 -13.74
N LYS B 77 16.05 -10.95 -13.49
CA LYS B 77 14.94 -10.51 -14.33
C LYS B 77 14.28 -9.30 -13.68
N LYS B 78 14.20 -8.20 -14.41
CA LYS B 78 13.59 -6.99 -13.88
C LYS B 78 12.09 -6.97 -14.14
N VAL B 79 11.34 -6.93 -13.05
CA VAL B 79 9.88 -6.85 -13.10
C VAL B 79 9.43 -5.92 -11.99
N THR B 80 8.40 -5.13 -12.23
CA THR B 80 7.97 -4.15 -11.24
C THR B 80 7.35 -4.84 -10.03
N ILE B 81 7.21 -4.11 -8.93
CA ILE B 81 6.62 -4.67 -7.72
C ILE B 81 5.26 -5.30 -8.06
N ALA B 82 4.50 -4.62 -8.92
CA ALA B 82 3.20 -5.12 -9.35
C ALA B 82 3.33 -6.41 -10.14
N SER B 83 4.38 -6.54 -10.93
CA SER B 83 4.59 -7.74 -11.74
C SER B 83 5.02 -8.91 -10.87
N TYR B 84 5.76 -8.63 -9.81
CA TYR B 84 6.16 -9.65 -8.85
C TYR B 84 4.92 -10.23 -8.19
N PHE B 85 3.98 -9.34 -7.85
CA PHE B 85 2.70 -9.75 -7.31
C PHE B 85 1.92 -10.51 -8.37
N HIS B 86 1.83 -9.93 -9.56
CA HIS B 86 1.07 -10.51 -10.67
C HIS B 86 1.50 -11.95 -10.96
N SER B 87 2.79 -12.22 -10.78
CA SER B 87 3.34 -13.57 -10.99
C SER B 87 2.68 -14.59 -10.07
N ARG B 88 2.15 -14.12 -8.95
CA ARG B 88 1.53 -14.98 -7.96
C ARG B 88 0.01 -14.91 -8.03
N ASN B 89 -0.51 -14.57 -9.22
CA ASN B 89 -1.95 -14.36 -9.41
C ASN B 89 -2.45 -13.29 -8.43
N TYR B 90 -1.81 -12.13 -8.52
CA TYR B 90 -2.03 -11.06 -7.56
C TYR B 90 -1.90 -9.71 -8.26
N PRO B 91 -2.92 -9.31 -9.04
CA PRO B 91 -2.94 -8.01 -9.70
C PRO B 91 -3.40 -6.90 -8.77
N LEU B 92 -2.92 -5.69 -9.04
CA LEU B 92 -3.28 -4.53 -8.22
C LEU B 92 -4.37 -3.72 -8.90
N LYS B 93 -5.27 -3.17 -8.10
CA LYS B 93 -6.36 -2.35 -8.59
C LYS B 93 -5.87 -0.97 -8.96
N PHE B 94 -4.94 -0.45 -8.17
CA PHE B 94 -4.44 0.90 -8.38
C PHE B 94 -2.91 0.92 -8.36
N PRO B 95 -2.26 0.41 -9.43
CA PRO B 95 -0.80 0.35 -9.50
C PRO B 95 -0.15 1.74 -9.53
N GLN B 96 -0.98 2.76 -9.68
CA GLN B 96 -0.51 4.13 -9.75
C GLN B 96 -0.47 4.76 -8.35
N LEU B 97 -0.52 3.91 -7.33
CA LEU B 97 -0.39 4.38 -5.95
C LEU B 97 1.06 4.37 -5.53
N HIS B 98 1.41 5.32 -4.67
CA HIS B 98 2.75 5.39 -4.13
C HIS B 98 2.87 4.42 -2.97
N CYS B 99 3.81 3.48 -3.11
CA CYS B 99 3.96 2.36 -2.20
C CYS B 99 4.12 2.80 -0.75
N LEU B 100 3.70 1.92 0.14
CA LEU B 100 3.72 2.16 1.57
C LEU B 100 5.06 1.73 2.14
N ASN B 101 5.83 2.67 2.66
CA ASN B 101 7.12 2.34 3.25
C ASN B 101 6.91 1.86 4.66
N VAL B 102 6.98 0.55 4.80
CA VAL B 102 6.66 -0.10 6.05
C VAL B 102 7.81 -1.00 6.48
N GLY B 103 7.51 -1.87 7.42
CA GLY B 103 8.46 -2.85 7.87
C GLY B 103 9.30 -2.37 9.03
N SER B 104 10.59 -2.21 8.81
CA SER B 104 11.49 -1.76 9.85
C SER B 104 12.69 -1.04 9.25
N SER B 105 13.63 -0.62 10.08
CA SER B 105 14.84 0.02 9.58
C SER B 105 15.67 -0.97 8.77
N ILE B 106 15.64 -2.25 9.15
CA ILE B 106 16.36 -3.27 8.42
C ILE B 106 15.52 -3.80 7.25
N LYS B 107 14.24 -4.05 7.49
CA LYS B 107 13.33 -4.48 6.45
C LYS B 107 12.59 -3.28 5.86
N SER B 108 13.22 -2.64 4.89
CA SER B 108 12.57 -1.58 4.15
C SER B 108 11.68 -2.17 3.07
N ILE B 109 10.38 -2.24 3.34
CA ILE B 109 9.45 -2.79 2.38
C ILE B 109 8.42 -1.76 1.94
N LEU B 110 7.91 -1.96 0.75
CA LEU B 110 6.94 -1.05 0.16
C LEU B 110 5.67 -1.84 -0.18
N LEU B 111 4.57 -1.51 0.47
CA LEU B 111 3.33 -2.28 0.32
C LEU B 111 2.29 -1.49 -0.45
N PRO B 112 1.50 -2.15 -1.31
CA PRO B 112 0.37 -1.49 -1.98
C PRO B 112 -0.69 -1.09 -0.98
N ILE B 113 -0.85 0.22 -0.79
CA ILE B 113 -1.76 0.78 0.20
C ILE B 113 -3.21 0.29 -0.03
N GLU B 114 -3.51 -0.13 -1.25
CA GLU B 114 -4.86 -0.55 -1.61
C GLU B 114 -5.32 -1.75 -0.78
N LEU B 115 -4.38 -2.56 -0.30
CA LEU B 115 -4.71 -3.74 0.47
C LEU B 115 -4.33 -3.58 1.94
N CYS B 116 -4.17 -2.34 2.36
CA CYS B 116 -3.85 -2.04 3.73
C CYS B 116 -5.11 -1.59 4.47
N SER B 117 -5.43 -2.28 5.56
CA SER B 117 -6.61 -1.96 6.32
C SER B 117 -6.22 -1.30 7.64
N ILE B 118 -6.51 -0.03 7.75
CA ILE B 118 -6.19 0.74 8.93
C ILE B 118 -7.39 0.76 9.88
N GLU B 119 -7.25 0.15 11.04
CA GLU B 119 -8.35 0.10 11.98
C GLU B 119 -8.49 1.41 12.73
N GLU B 120 -9.74 1.83 12.90
CA GLU B 120 -10.05 3.10 13.57
C GLU B 120 -9.85 2.98 15.06
N GLY B 121 -9.69 1.75 15.51
CA GLY B 121 -9.57 1.48 16.94
C GLY B 121 -8.23 1.88 17.52
N GLN B 122 -7.78 3.09 17.19
CA GLN B 122 -6.56 3.64 17.76
C GLN B 122 -6.88 4.40 19.04
N ALA B 123 -8.15 4.75 19.19
CA ALA B 123 -8.64 5.43 20.38
C ALA B 123 -9.41 4.46 21.25
N GLY B 1 -15.26 -8.75 9.43
CA GLY B 1 -14.18 -7.75 9.33
C GLY B 1 -14.67 -6.35 9.66
N ALA B 2 -14.25 -5.85 10.82
CA ALA B 2 -14.69 -4.53 11.27
C ALA B 2 -13.53 -3.79 11.93
N MET B 3 -13.73 -2.50 12.19
CA MET B 3 -12.73 -1.63 12.82
C MET B 3 -11.51 -1.43 11.92
N ALA B 4 -11.64 -1.90 10.71
CA ALA B 4 -10.56 -1.84 9.74
C ALA B 4 -10.99 -1.07 8.50
N MET B 5 -10.44 0.11 8.32
CA MET B 5 -10.73 0.90 7.13
C MET B 5 -9.68 0.65 6.07
N PRO B 6 -10.08 0.17 4.89
CA PRO B 6 -9.18 0.05 3.76
C PRO B 6 -8.58 1.42 3.46
N MET B 7 -7.26 1.50 3.39
CA MET B 7 -6.59 2.78 3.27
C MET B 7 -7.01 3.56 2.02
N ILE B 8 -7.48 2.83 1.01
CA ILE B 8 -8.07 3.47 -0.16
C ILE B 8 -9.37 4.17 0.24
N GLU B 9 -10.23 3.42 0.93
CA GLU B 9 -11.48 3.95 1.49
C GLU B 9 -11.18 5.17 2.38
N TYR B 10 -10.09 5.07 3.14
CA TYR B 10 -9.65 6.15 4.01
C TYR B 10 -9.45 7.43 3.20
N LEU B 11 -8.72 7.32 2.09
CA LEU B 11 -8.40 8.47 1.26
C LEU B 11 -9.66 9.06 0.64
N GLU B 12 -10.54 8.19 0.16
CA GLU B 12 -11.77 8.59 -0.50
C GLU B 12 -12.64 9.42 0.43
N ARG B 13 -12.87 8.91 1.62
CA ARG B 13 -13.84 9.51 2.53
C ARG B 13 -13.30 10.74 3.26
N PHE B 14 -12.03 10.74 3.57
CA PHE B 14 -11.45 11.84 4.35
C PHE B 14 -10.71 12.86 3.49
N SER B 15 -9.90 12.38 2.57
CA SER B 15 -8.92 13.25 1.91
C SER B 15 -9.45 13.84 0.60
N LEU B 16 -9.92 12.99 -0.29
CA LEU B 16 -10.27 13.43 -1.64
C LEU B 16 -11.75 13.75 -1.78
N LYS B 17 -12.58 13.11 -0.95
CA LYS B 17 -14.03 13.24 -1.03
C LYS B 17 -14.53 12.74 -2.39
N ALA B 18 -13.73 11.89 -3.00
CA ALA B 18 -14.02 11.33 -4.30
C ALA B 18 -13.58 9.87 -4.32
N LYS B 19 -14.02 9.13 -5.31
CA LYS B 19 -13.75 7.70 -5.37
C LYS B 19 -12.43 7.43 -6.08
N ILE B 20 -11.59 6.63 -5.46
CA ILE B 20 -10.32 6.24 -6.02
C ILE B 20 -10.54 5.34 -7.23
N ASN B 21 -9.85 5.64 -8.32
CA ASN B 21 -10.01 4.91 -9.56
C ASN B 21 -8.65 4.70 -10.21
N ASN B 22 -8.60 4.04 -11.36
CA ASN B 22 -7.33 3.86 -12.06
C ASN B 22 -6.86 5.17 -12.66
N THR B 23 -7.81 6.09 -12.85
CA THR B 23 -7.53 7.38 -13.42
C THR B 23 -7.01 8.37 -12.37
N THR B 24 -7.36 8.14 -11.10
CA THR B 24 -6.92 9.01 -10.03
C THR B 24 -5.47 8.74 -9.69
N ASN B 25 -4.64 9.76 -9.83
CA ASN B 25 -3.22 9.64 -9.49
C ASN B 25 -3.02 9.92 -8.02
N LEU B 26 -2.79 8.85 -7.26
CA LEU B 26 -2.65 8.93 -5.81
C LEU B 26 -1.60 9.96 -5.40
N ASP B 27 -0.58 10.12 -6.24
CA ASP B 27 0.53 11.04 -5.97
C ASP B 27 0.04 12.42 -5.53
N TYR B 28 -0.98 12.92 -6.22
CA TYR B 28 -1.46 14.28 -6.02
C TYR B 28 -2.05 14.49 -4.63
N SER B 29 -2.32 13.42 -3.91
CA SER B 29 -2.65 13.52 -2.50
C SER B 29 -1.57 12.88 -1.64
N ARG B 30 -1.13 11.70 -2.10
CA ARG B 30 -0.25 10.82 -1.34
C ARG B 30 1.01 11.52 -0.87
N ARG B 31 1.55 12.41 -1.69
CA ARG B 31 2.81 13.09 -1.37
C ARG B 31 2.64 13.99 -0.15
N PHE B 32 1.43 14.51 0.06
CA PHE B 32 1.18 15.43 1.17
C PHE B 32 0.67 14.65 2.38
N LEU B 33 0.41 13.37 2.17
CA LEU B 33 -0.12 12.52 3.21
C LEU B 33 1.01 11.87 4.01
N GLU B 34 2.24 12.03 3.51
CA GLU B 34 3.44 11.48 4.14
C GLU B 34 3.50 11.72 5.65
N PRO B 35 3.36 12.98 6.12
CA PRO B 35 3.44 13.30 7.56
C PRO B 35 2.42 12.53 8.41
N PHE B 36 1.34 12.08 7.79
CA PHE B 36 0.35 11.27 8.48
C PHE B 36 0.75 9.80 8.46
N LEU B 37 1.29 9.36 7.33
CA LEU B 37 1.73 7.97 7.17
C LEU B 37 2.85 7.64 8.13
N ARG B 38 3.58 8.66 8.54
CA ARG B 38 4.68 8.50 9.47
C ARG B 38 4.17 8.05 10.83
N GLY B 39 4.32 6.77 11.10
CA GLY B 39 3.98 6.24 12.40
C GLY B 39 2.58 5.67 12.48
N ILE B 40 2.07 5.11 11.39
CA ILE B 40 0.78 4.43 11.46
C ILE B 40 1.01 2.93 11.53
N ASN B 41 -0.04 2.17 11.79
CA ASN B 41 0.06 0.73 11.75
C ASN B 41 -1.01 0.18 10.82
N VAL B 42 -0.63 -0.70 9.92
CA VAL B 42 -1.55 -1.19 8.92
C VAL B 42 -1.76 -2.68 9.07
N VAL B 43 -3.00 -3.10 9.01
CA VAL B 43 -3.32 -4.50 8.99
C VAL B 43 -3.33 -4.95 7.53
N TYR B 44 -2.27 -5.63 7.14
CA TYR B 44 -2.09 -5.98 5.75
C TYR B 44 -2.75 -7.30 5.43
N THR B 45 -3.66 -7.27 4.47
CA THR B 45 -4.31 -8.49 4.00
C THR B 45 -3.59 -9.01 2.76
N PRO B 46 -2.81 -10.10 2.92
CA PRO B 46 -2.00 -10.67 1.85
C PRO B 46 -2.86 -11.32 0.76
N PRO B 47 -2.41 -11.22 -0.50
CA PRO B 47 -3.10 -11.84 -1.64
C PRO B 47 -3.27 -13.34 -1.46
N GLN B 48 -4.37 -13.88 -2.00
CA GLN B 48 -4.78 -15.26 -1.74
C GLN B 48 -3.64 -16.25 -1.96
N SER B 49 -2.96 -16.12 -3.09
CA SER B 49 -1.90 -17.05 -3.48
C SER B 49 -0.72 -17.07 -2.51
N PHE B 50 -0.60 -16.03 -1.68
CA PHE B 50 0.46 -15.99 -0.67
C PHE B 50 0.13 -16.96 0.45
N GLN B 51 -1.17 -17.16 0.67
CA GLN B 51 -1.69 -17.99 1.75
C GLN B 51 -1.08 -17.57 3.08
N SER B 52 -1.02 -16.27 3.29
CA SER B 52 -0.48 -15.71 4.50
C SER B 52 -1.60 -15.08 5.33
N ALA B 53 -1.28 -14.74 6.56
CA ALA B 53 -2.27 -14.24 7.50
C ALA B 53 -2.14 -12.72 7.66
N PRO B 54 -3.26 -12.02 7.88
CA PRO B 54 -3.26 -10.57 8.11
C PRO B 54 -2.28 -10.17 9.19
N ARG B 55 -1.48 -9.15 8.91
CA ARG B 55 -0.37 -8.80 9.79
C ARG B 55 -0.24 -7.28 9.91
N VAL B 56 0.01 -6.82 11.13
CA VAL B 56 0.14 -5.39 11.39
C VAL B 56 1.58 -4.93 11.12
N TYR B 57 1.72 -3.85 10.36
CA TYR B 57 3.03 -3.28 10.08
C TYR B 57 3.06 -1.83 10.51
N ARG B 58 4.18 -1.42 11.09
CA ARG B 58 4.36 -0.03 11.48
C ARG B 58 4.93 0.73 10.30
N VAL B 59 4.10 1.60 9.74
CA VAL B 59 4.45 2.34 8.55
C VAL B 59 5.28 3.57 8.90
N ASN B 60 6.47 3.64 8.32
CA ASN B 60 7.42 4.72 8.56
C ASN B 60 7.01 5.95 7.77
N GLY B 61 6.52 5.72 6.57
CA GLY B 61 6.11 6.80 5.70
C GLY B 61 5.78 6.32 4.31
N LEU B 62 6.17 7.07 3.30
CA LEU B 62 5.82 6.73 1.93
C LEU B 62 7.03 6.71 1.01
N SER B 63 6.84 6.04 -0.12
CA SER B 63 7.85 5.95 -1.14
C SER B 63 7.61 7.03 -2.19
N ARG B 64 8.65 7.36 -2.95
CA ARG B 64 8.56 8.44 -3.91
C ARG B 64 8.07 7.93 -5.27
N ALA B 65 7.91 6.61 -5.37
CA ALA B 65 7.46 6.00 -6.60
C ALA B 65 6.48 4.87 -6.31
N PRO B 66 5.49 4.69 -7.20
CA PRO B 66 4.49 3.63 -7.10
C PRO B 66 5.08 2.24 -7.37
N ALA B 67 4.32 1.22 -6.97
CA ALA B 67 4.71 -0.19 -7.12
C ALA B 67 4.90 -0.57 -8.58
N SER B 68 4.41 0.28 -9.47
CA SER B 68 4.49 0.04 -10.90
C SER B 68 5.79 0.61 -11.49
N SER B 69 6.49 1.40 -10.70
CA SER B 69 7.73 2.03 -11.15
C SER B 69 8.94 1.26 -10.65
N GLU B 70 8.97 0.99 -9.35
CA GLU B 70 10.11 0.32 -8.74
C GLU B 70 10.19 -1.14 -9.20
N THR B 71 11.38 -1.55 -9.61
CA THR B 71 11.58 -2.87 -10.19
C THR B 71 12.68 -3.63 -9.45
N PHE B 72 12.51 -4.94 -9.32
CA PHE B 72 13.54 -5.79 -8.72
C PHE B 72 13.82 -6.98 -9.64
N GLU B 73 14.93 -7.67 -9.41
CA GLU B 73 15.30 -8.80 -10.25
C GLU B 73 15.01 -10.11 -9.54
N HIS B 74 14.14 -10.91 -10.14
CA HIS B 74 13.78 -12.21 -9.61
C HIS B 74 13.92 -13.26 -10.71
N ASP B 75 14.90 -14.15 -10.55
CA ASP B 75 15.19 -15.21 -11.53
C ASP B 75 15.65 -14.62 -12.86
N GLY B 76 16.51 -13.61 -12.79
CA GLY B 76 17.08 -13.02 -14.00
C GLY B 76 16.16 -12.00 -14.65
N LYS B 77 14.88 -12.02 -14.30
CA LYS B 77 13.91 -11.11 -14.87
C LYS B 77 13.62 -9.96 -13.91
N LYS B 78 13.66 -8.74 -14.43
CA LYS B 78 13.27 -7.58 -13.64
C LYS B 78 11.77 -7.40 -13.69
N VAL B 79 11.16 -7.38 -12.53
CA VAL B 79 9.72 -7.28 -12.40
C VAL B 79 9.38 -6.28 -11.30
N THR B 80 8.31 -5.53 -11.49
CA THR B 80 7.93 -4.50 -10.53
C THR B 80 7.14 -5.10 -9.37
N ILE B 81 7.02 -4.35 -8.29
CA ILE B 81 6.24 -4.80 -7.13
C ILE B 81 4.81 -5.15 -7.54
N ALA B 82 4.21 -4.27 -8.33
CA ALA B 82 2.83 -4.45 -8.78
C ALA B 82 2.69 -5.72 -9.62
N SER B 83 3.66 -5.96 -10.49
CA SER B 83 3.62 -7.13 -11.37
C SER B 83 3.90 -8.41 -10.57
N TYR B 84 4.64 -8.27 -9.47
CA TYR B 84 4.89 -9.40 -8.58
C TYR B 84 3.57 -9.88 -7.98
N PHE B 85 2.77 -8.94 -7.50
CA PHE B 85 1.45 -9.27 -6.97
C PHE B 85 0.54 -9.77 -8.08
N HIS B 86 0.66 -9.16 -9.25
CA HIS B 86 -0.12 -9.57 -10.42
C HIS B 86 0.17 -11.03 -10.77
N SER B 87 1.42 -11.44 -10.62
CA SER B 87 1.83 -12.81 -10.88
C SER B 87 1.16 -13.77 -9.89
N ARG B 88 0.77 -13.25 -8.73
CA ARG B 88 0.09 -14.03 -7.71
C ARG B 88 -1.42 -13.96 -7.89
N ASN B 89 -1.83 -13.77 -9.16
CA ASN B 89 -3.23 -13.69 -9.52
C ASN B 89 -3.90 -12.53 -8.81
N TYR B 90 -3.16 -11.45 -8.68
CA TYR B 90 -3.65 -10.29 -7.96
C TYR B 90 -3.32 -9.01 -8.70
N PRO B 91 -4.04 -8.71 -9.79
CA PRO B 91 -3.86 -7.45 -10.49
C PRO B 91 -4.32 -6.29 -9.63
N LEU B 92 -3.38 -5.46 -9.20
CA LEU B 92 -3.71 -4.30 -8.39
C LEU B 92 -4.61 -3.37 -9.17
N LYS B 93 -5.65 -2.89 -8.52
CA LYS B 93 -6.64 -2.06 -9.19
C LYS B 93 -6.14 -0.63 -9.28
N PHE B 94 -5.23 -0.28 -8.39
CA PHE B 94 -4.64 1.05 -8.37
C PHE B 94 -3.11 0.95 -8.35
N PRO B 95 -2.50 0.45 -9.44
CA PRO B 95 -1.04 0.23 -9.51
C PRO B 95 -0.23 1.51 -9.42
N GLN B 96 -0.91 2.64 -9.50
CA GLN B 96 -0.23 3.94 -9.48
C GLN B 96 -0.23 4.54 -8.08
N LEU B 97 -0.47 3.71 -7.08
CA LEU B 97 -0.43 4.15 -5.69
C LEU B 97 1.00 4.18 -5.18
N HIS B 98 1.32 5.17 -4.37
CA HIS B 98 2.63 5.26 -3.74
C HIS B 98 2.67 4.35 -2.53
N CYS B 99 3.54 3.36 -2.61
CA CYS B 99 3.68 2.34 -1.58
C CYS B 99 4.14 2.93 -0.25
N LEU B 100 3.77 2.26 0.82
CA LEU B 100 4.15 2.67 2.17
C LEU B 100 5.53 2.14 2.46
N ASN B 101 6.40 2.99 2.94
CA ASN B 101 7.71 2.54 3.37
C ASN B 101 7.58 1.98 4.77
N VAL B 102 7.60 0.67 4.84
CA VAL B 102 7.37 -0.06 6.06
C VAL B 102 8.53 -0.99 6.33
N GLY B 103 8.32 -1.90 7.26
CA GLY B 103 9.34 -2.87 7.61
C GLY B 103 10.29 -2.37 8.67
N SER B 104 11.58 -2.40 8.36
CA SER B 104 12.60 -2.00 9.29
C SER B 104 13.83 -1.52 8.53
N SER B 105 14.89 -1.16 9.24
CA SER B 105 16.13 -0.71 8.62
C SER B 105 16.64 -1.74 7.62
N ILE B 106 16.71 -2.99 8.04
CA ILE B 106 17.20 -4.07 7.19
C ILE B 106 16.18 -4.42 6.11
N LYS B 107 14.93 -4.60 6.50
CA LYS B 107 13.87 -4.89 5.54
C LYS B 107 13.12 -3.62 5.20
N SER B 108 13.63 -2.87 4.23
CA SER B 108 12.97 -1.67 3.79
C SER B 108 11.99 -2.01 2.67
N ILE B 109 10.73 -2.15 3.02
CA ILE B 109 9.75 -2.67 2.09
C ILE B 109 8.68 -1.65 1.79
N LEU B 110 8.35 -1.57 0.51
CA LEU B 110 7.34 -0.65 0.03
C LEU B 110 6.05 -1.44 -0.21
N LEU B 111 4.99 -1.15 0.54
CA LEU B 111 3.78 -1.98 0.48
C LEU B 111 2.65 -1.23 -0.21
N PRO B 112 1.86 -1.95 -1.02
CA PRO B 112 0.70 -1.39 -1.72
C PRO B 112 -0.42 -0.98 -0.75
N ILE B 113 -0.77 0.30 -0.78
CA ILE B 113 -1.78 0.84 0.13
C ILE B 113 -3.16 0.23 -0.14
N GLU B 114 -3.35 -0.28 -1.37
CA GLU B 114 -4.60 -0.92 -1.77
C GLU B 114 -4.97 -2.07 -0.82
N LEU B 115 -3.96 -2.79 -0.35
CA LEU B 115 -4.18 -3.98 0.47
C LEU B 115 -3.92 -3.69 1.95
N CYS B 116 -3.88 -2.41 2.29
CA CYS B 116 -3.63 -2.02 3.67
C CYS B 116 -4.92 -1.60 4.36
N SER B 117 -5.22 -2.25 5.48
CA SER B 117 -6.36 -1.88 6.30
C SER B 117 -5.88 -1.10 7.52
N ILE B 118 -6.19 0.19 7.54
CA ILE B 118 -5.81 1.03 8.65
C ILE B 118 -6.88 0.95 9.74
N GLU B 119 -6.48 0.47 10.90
CA GLU B 119 -7.39 0.35 12.01
C GLU B 119 -7.76 1.73 12.55
N GLU B 120 -9.03 1.93 12.86
CA GLU B 120 -9.48 3.19 13.43
C GLU B 120 -8.99 3.32 14.86
N GLY B 121 -8.99 2.19 15.54
CA GLY B 121 -8.47 2.11 16.90
C GLY B 121 -9.41 2.71 17.93
N GLN B 122 -9.88 3.92 17.64
CA GLN B 122 -10.77 4.63 18.55
C GLN B 122 -12.13 3.96 18.64
N ALA B 123 -12.58 3.41 17.53
CA ALA B 123 -13.86 2.74 17.46
C ALA B 123 -13.67 1.26 17.17
N GLY B 1 -16.66 -1.36 18.35
CA GLY B 1 -15.85 -2.15 17.41
C GLY B 1 -16.04 -1.71 15.97
N ALA B 2 -15.72 -2.59 15.02
CA ALA B 2 -15.89 -2.32 13.60
C ALA B 2 -15.11 -1.08 13.18
N MET B 3 -13.97 -0.86 13.80
CA MET B 3 -13.18 0.33 13.56
C MET B 3 -11.99 0.04 12.66
N ALA B 4 -12.23 -0.79 11.66
CA ALA B 4 -11.22 -1.09 10.66
C ALA B 4 -11.65 -0.53 9.31
N MET B 5 -10.84 0.35 8.76
CA MET B 5 -11.17 1.00 7.50
C MET B 5 -10.18 0.62 6.41
N PRO B 6 -10.67 0.30 5.21
CA PRO B 6 -9.80 0.14 4.05
C PRO B 6 -9.05 1.43 3.78
N MET B 7 -7.72 1.34 3.70
CA MET B 7 -6.87 2.51 3.59
C MET B 7 -7.18 3.34 2.34
N ILE B 8 -7.66 2.68 1.30
CA ILE B 8 -8.11 3.39 0.10
C ILE B 8 -9.36 4.20 0.42
N GLU B 9 -10.30 3.58 1.13
CA GLU B 9 -11.53 4.26 1.53
C GLU B 9 -11.22 5.40 2.50
N TYR B 10 -10.19 5.21 3.31
CA TYR B 10 -9.72 6.24 4.23
C TYR B 10 -9.39 7.51 3.45
N LEU B 11 -8.73 7.32 2.31
CA LEU B 11 -8.39 8.44 1.44
C LEU B 11 -9.62 9.02 0.78
N GLU B 12 -10.51 8.15 0.29
CA GLU B 12 -11.73 8.56 -0.39
C GLU B 12 -12.55 9.50 0.48
N ARG B 13 -12.75 9.11 1.73
CA ARG B 13 -13.63 9.82 2.63
C ARG B 13 -12.97 11.07 3.21
N PHE B 14 -11.76 10.93 3.72
CA PHE B 14 -11.14 12.02 4.46
C PHE B 14 -10.22 12.88 3.59
N SER B 15 -9.47 12.25 2.70
CA SER B 15 -8.38 12.95 2.03
C SER B 15 -8.83 13.61 0.73
N LEU B 16 -9.45 12.84 -0.14
CA LEU B 16 -9.81 13.32 -1.46
C LEU B 16 -11.26 13.78 -1.53
N LYS B 17 -12.06 13.29 -0.59
CA LYS B 17 -13.50 13.60 -0.55
C LYS B 17 -14.20 13.04 -1.78
N ALA B 18 -13.57 12.06 -2.41
CA ALA B 18 -14.04 11.50 -3.68
C ALA B 18 -13.64 10.04 -3.83
N LYS B 19 -14.41 9.31 -4.62
CA LYS B 19 -14.17 7.89 -4.87
C LYS B 19 -12.88 7.67 -5.65
N ILE B 20 -12.00 6.83 -5.11
CA ILE B 20 -10.77 6.42 -5.77
C ILE B 20 -11.08 5.70 -7.08
N ASN B 21 -10.35 6.03 -8.12
CA ASN B 21 -10.58 5.45 -9.45
C ASN B 21 -9.25 5.20 -10.15
N ASN B 22 -9.28 4.50 -11.27
CA ASN B 22 -8.04 4.16 -11.99
C ASN B 22 -7.37 5.43 -12.53
N THR B 23 -8.14 6.48 -12.72
CA THR B 23 -7.63 7.73 -13.27
C THR B 23 -7.23 8.74 -12.20
N THR B 24 -7.41 8.39 -10.93
CA THR B 24 -7.08 9.32 -9.84
C THR B 24 -5.60 9.22 -9.48
N ASN B 25 -4.89 10.33 -9.61
CA ASN B 25 -3.48 10.38 -9.26
C ASN B 25 -3.30 10.56 -7.76
N LEU B 26 -3.01 9.46 -7.08
CA LEU B 26 -2.78 9.51 -5.64
C LEU B 26 -1.55 10.33 -5.29
N ASP B 27 -0.62 10.41 -6.25
CA ASP B 27 0.67 11.09 -6.06
C ASP B 27 0.53 12.42 -5.33
N TYR B 28 -0.37 13.27 -5.83
CA TYR B 28 -0.52 14.64 -5.33
C TYR B 28 -0.82 14.69 -3.84
N SER B 29 -1.65 13.78 -3.36
CA SER B 29 -2.03 13.78 -1.96
C SER B 29 -1.17 12.82 -1.17
N ARG B 30 -0.86 11.67 -1.77
CA ARG B 30 -0.10 10.64 -1.09
C ARG B 30 1.20 11.21 -0.55
N ARG B 31 1.88 12.03 -1.35
CA ARG B 31 3.13 12.67 -0.93
C ARG B 31 2.94 13.59 0.29
N PHE B 32 1.79 14.23 0.39
CA PHE B 32 1.57 15.19 1.47
C PHE B 32 0.93 14.48 2.66
N LEU B 33 0.48 13.26 2.41
CA LEU B 33 -0.06 12.40 3.45
C LEU B 33 1.08 11.65 4.14
N GLU B 34 2.26 11.64 3.51
CA GLU B 34 3.47 11.04 4.08
C GLU B 34 3.66 11.33 5.57
N PRO B 35 3.63 12.61 6.02
CA PRO B 35 3.85 12.94 7.44
C PRO B 35 2.80 12.34 8.38
N PHE B 36 1.61 12.05 7.84
CA PHE B 36 0.55 11.44 8.63
C PHE B 36 0.72 9.93 8.68
N LEU B 37 1.07 9.36 7.53
CA LEU B 37 1.25 7.93 7.38
C LEU B 37 2.52 7.45 8.07
N ARG B 38 3.46 8.37 8.23
CA ARG B 38 4.71 8.07 8.89
C ARG B 38 4.48 7.76 10.37
N GLY B 39 4.46 6.48 10.68
CA GLY B 39 4.25 6.04 12.04
C GLY B 39 2.87 5.47 12.28
N ILE B 40 2.23 4.92 11.24
CA ILE B 40 0.90 4.33 11.42
C ILE B 40 1.00 2.81 11.48
N ASN B 41 0.07 2.20 12.20
CA ASN B 41 -0.04 0.75 12.25
C ASN B 41 -1.23 0.29 11.42
N VAL B 42 -0.97 -0.57 10.44
CA VAL B 42 -2.01 -0.99 9.51
C VAL B 42 -2.10 -2.50 9.45
N VAL B 43 -3.33 -3.02 9.40
CA VAL B 43 -3.53 -4.45 9.29
C VAL B 43 -3.65 -4.84 7.82
N TYR B 44 -2.60 -5.42 7.28
CA TYR B 44 -2.60 -5.81 5.88
C TYR B 44 -3.34 -7.12 5.68
N THR B 45 -4.30 -7.10 4.77
CA THR B 45 -4.97 -8.31 4.36
C THR B 45 -4.29 -8.83 3.10
N PRO B 46 -3.47 -9.87 3.24
CA PRO B 46 -2.65 -10.36 2.15
C PRO B 46 -3.37 -11.38 1.31
N PRO B 47 -3.23 -11.27 -0.03
CA PRO B 47 -3.76 -12.27 -0.95
C PRO B 47 -3.30 -13.66 -0.53
N GLN B 48 -4.24 -14.59 -0.44
CA GLN B 48 -3.97 -15.94 0.08
C GLN B 48 -2.88 -16.66 -0.72
N SER B 49 -2.53 -16.10 -1.87
CA SER B 49 -1.43 -16.61 -2.69
C SER B 49 -0.10 -16.52 -1.95
N PHE B 50 -0.06 -15.67 -0.92
CA PHE B 50 1.15 -15.47 -0.13
C PHE B 50 1.24 -16.47 1.02
N GLN B 51 0.16 -17.24 1.21
CA GLN B 51 0.09 -18.25 2.26
C GLN B 51 0.32 -17.62 3.64
N SER B 52 -0.07 -16.36 3.78
CA SER B 52 0.15 -15.60 4.99
C SER B 52 -1.18 -15.10 5.56
N ALA B 53 -1.17 -14.72 6.83
CA ALA B 53 -2.38 -14.23 7.50
C ALA B 53 -2.29 -12.71 7.68
N PRO B 54 -3.42 -12.03 7.97
CA PRO B 54 -3.43 -10.58 8.21
C PRO B 54 -2.37 -10.17 9.21
N ARG B 55 -1.61 -9.15 8.87
CA ARG B 55 -0.45 -8.76 9.66
C ARG B 55 -0.39 -7.24 9.81
N VAL B 56 -0.13 -6.81 11.03
CA VAL B 56 0.00 -5.38 11.31
C VAL B 56 1.40 -4.91 10.96
N TYR B 57 1.48 -3.78 10.28
CA TYR B 57 2.77 -3.23 9.87
C TYR B 57 2.90 -1.80 10.36
N ARG B 58 4.09 -1.43 10.75
CA ARG B 58 4.37 -0.05 11.10
C ARG B 58 4.85 0.68 9.86
N VAL B 59 3.95 1.44 9.27
CA VAL B 59 4.24 2.20 8.07
C VAL B 59 5.13 3.38 8.42
N ASN B 60 6.33 3.38 7.84
CA ASN B 60 7.36 4.37 8.17
C ASN B 60 7.34 5.52 7.17
N GLY B 61 6.62 5.32 6.08
CA GLY B 61 6.47 6.37 5.09
C GLY B 61 5.87 5.86 3.80
N LEU B 62 6.24 6.48 2.69
CA LEU B 62 5.72 6.11 1.38
C LEU B 62 6.86 6.06 0.38
N SER B 63 6.65 5.37 -0.73
CA SER B 63 7.66 5.29 -1.77
C SER B 63 7.59 6.52 -2.66
N ARG B 64 8.74 6.88 -3.22
CA ARG B 64 8.84 8.04 -4.10
C ARG B 64 8.32 7.67 -5.50
N ALA B 65 8.03 6.40 -5.70
CA ALA B 65 7.56 5.91 -6.97
C ALA B 65 6.52 4.80 -6.78
N PRO B 66 5.54 4.72 -7.70
CA PRO B 66 4.53 3.66 -7.69
C PRO B 66 5.14 2.27 -7.90
N ALA B 67 4.37 1.24 -7.57
CA ALA B 67 4.84 -0.15 -7.66
C ALA B 67 5.11 -0.55 -9.11
N SER B 68 4.64 0.26 -10.04
CA SER B 68 4.86 0.02 -11.45
C SER B 68 6.17 0.67 -11.91
N SER B 69 6.78 1.44 -11.02
CA SER B 69 7.99 2.17 -11.34
C SER B 69 9.23 1.53 -10.70
N GLU B 70 9.07 0.96 -9.52
CA GLU B 70 10.19 0.32 -8.84
C GLU B 70 10.38 -1.11 -9.35
N THR B 71 11.59 -1.42 -9.79
CA THR B 71 11.90 -2.70 -10.38
C THR B 71 12.96 -3.43 -9.56
N PHE B 72 12.82 -4.74 -9.43
CA PHE B 72 13.83 -5.55 -8.76
C PHE B 72 14.18 -6.75 -9.64
N GLU B 73 15.39 -7.25 -9.50
CA GLU B 73 15.83 -8.38 -10.31
C GLU B 73 15.73 -9.67 -9.50
N HIS B 74 14.86 -10.55 -9.95
CA HIS B 74 14.64 -11.82 -9.30
C HIS B 74 14.70 -12.95 -10.32
N ASP B 75 15.63 -13.87 -10.12
CA ASP B 75 15.78 -15.06 -10.96
C ASP B 75 16.23 -14.66 -12.38
N GLY B 76 16.96 -13.56 -12.46
CA GLY B 76 17.49 -13.10 -13.73
C GLY B 76 16.51 -12.27 -14.49
N LYS B 77 15.48 -11.78 -13.81
CA LYS B 77 14.43 -10.99 -14.45
C LYS B 77 14.17 -9.70 -13.69
N LYS B 78 14.27 -8.57 -14.38
CA LYS B 78 13.92 -7.30 -13.79
C LYS B 78 12.41 -7.09 -13.85
N VAL B 79 11.75 -7.27 -12.72
CA VAL B 79 10.31 -7.16 -12.64
C VAL B 79 9.92 -6.12 -11.60
N THR B 80 8.84 -5.41 -11.87
CA THR B 80 8.39 -4.37 -10.97
C THR B 80 7.64 -4.96 -9.78
N ILE B 81 7.46 -4.17 -8.73
CA ILE B 81 6.71 -4.62 -7.57
C ILE B 81 5.31 -5.07 -8.00
N ALA B 82 4.74 -4.34 -8.94
CA ALA B 82 3.41 -4.64 -9.47
C ALA B 82 3.40 -6.00 -10.19
N SER B 83 4.54 -6.39 -10.74
CA SER B 83 4.66 -7.66 -11.43
C SER B 83 4.69 -8.81 -10.43
N TYR B 84 5.24 -8.52 -9.24
CA TYR B 84 5.29 -9.50 -8.17
C TYR B 84 3.87 -9.86 -7.73
N PHE B 85 3.05 -8.84 -7.50
CA PHE B 85 1.65 -9.06 -7.14
C PHE B 85 0.87 -9.64 -8.31
N HIS B 86 1.19 -9.20 -9.52
CA HIS B 86 0.58 -9.72 -10.74
C HIS B 86 0.78 -11.24 -10.83
N SER B 87 1.94 -11.69 -10.39
CA SER B 87 2.26 -13.12 -10.39
C SER B 87 1.42 -13.86 -9.35
N ARG B 88 0.95 -13.14 -8.33
CA ARG B 88 0.13 -13.72 -7.27
C ARG B 88 -1.34 -13.66 -7.63
N ASN B 89 -1.62 -13.67 -8.94
CA ASN B 89 -3.00 -13.63 -9.45
C ASN B 89 -3.68 -12.35 -9.02
N TYR B 90 -2.87 -11.33 -8.77
CA TYR B 90 -3.36 -10.08 -8.25
C TYR B 90 -2.88 -8.90 -9.12
N PRO B 91 -3.44 -8.75 -10.32
CA PRO B 91 -3.11 -7.60 -11.17
C PRO B 91 -3.63 -6.31 -10.56
N LEU B 92 -2.71 -5.44 -10.19
CA LEU B 92 -3.05 -4.23 -9.47
C LEU B 92 -3.93 -3.31 -10.32
N LYS B 93 -5.10 -3.00 -9.81
CA LYS B 93 -6.02 -2.10 -10.48
C LYS B 93 -5.58 -0.66 -10.27
N PHE B 94 -4.82 -0.46 -9.19
CA PHE B 94 -4.29 0.87 -8.87
C PHE B 94 -2.81 0.77 -8.50
N PRO B 95 -1.91 0.50 -9.45
CA PRO B 95 -0.47 0.49 -9.20
C PRO B 95 0.07 1.90 -8.98
N GLN B 96 -0.80 2.86 -9.20
CA GLN B 96 -0.46 4.27 -9.27
C GLN B 96 -0.79 4.99 -7.94
N LEU B 97 -0.97 4.20 -6.87
CA LEU B 97 -1.37 4.77 -5.59
C LEU B 97 -0.19 5.12 -4.69
N HIS B 98 1.02 4.79 -5.16
CA HIS B 98 2.25 4.93 -4.38
C HIS B 98 2.22 4.05 -3.13
N CYS B 99 3.02 2.99 -3.16
CA CYS B 99 3.06 2.03 -2.07
C CYS B 99 3.67 2.63 -0.81
N LEU B 100 3.36 2.00 0.32
CA LEU B 100 3.80 2.48 1.62
C LEU B 100 5.16 1.91 1.93
N ASN B 101 6.07 2.75 2.35
CA ASN B 101 7.36 2.28 2.82
C ASN B 101 7.21 1.81 4.24
N VAL B 102 6.84 0.56 4.36
CA VAL B 102 6.60 -0.04 5.64
C VAL B 102 7.79 -0.90 6.02
N GLY B 103 7.72 -1.50 7.19
CA GLY B 103 8.77 -2.39 7.60
C GLY B 103 9.80 -1.70 8.46
N SER B 104 10.99 -1.55 7.90
CA SER B 104 12.09 -0.87 8.57
C SER B 104 13.02 -0.30 7.51
N SER B 105 14.13 0.29 7.90
CA SER B 105 15.10 0.78 6.92
C SER B 105 15.85 -0.39 6.29
N ILE B 106 16.17 -1.40 7.10
CA ILE B 106 16.80 -2.62 6.59
C ILE B 106 15.84 -3.40 5.69
N LYS B 107 14.61 -3.59 6.16
CA LYS B 107 13.58 -4.13 5.32
C LYS B 107 12.63 -3.01 4.92
N SER B 108 13.01 -2.30 3.87
CA SER B 108 12.14 -1.33 3.27
C SER B 108 11.20 -2.03 2.33
N ILE B 109 9.96 -2.18 2.73
CA ILE B 109 8.98 -2.86 1.91
C ILE B 109 7.90 -1.90 1.50
N LEU B 110 7.66 -1.81 0.20
CA LEU B 110 6.62 -0.96 -0.31
C LEU B 110 5.36 -1.79 -0.49
N LEU B 111 4.36 -1.49 0.31
CA LEU B 111 3.14 -2.28 0.31
C LEU B 111 1.99 -1.47 -0.27
N PRO B 112 1.16 -2.06 -1.14
CA PRO B 112 0.04 -1.36 -1.74
C PRO B 112 -1.02 -0.95 -0.71
N ILE B 113 -1.36 0.33 -0.70
CA ILE B 113 -2.29 0.88 0.28
C ILE B 113 -3.69 0.26 0.16
N GLU B 114 -3.99 -0.30 -1.01
CA GLU B 114 -5.25 -1.00 -1.22
C GLU B 114 -5.36 -2.24 -0.32
N LEU B 115 -4.22 -2.82 0.04
CA LEU B 115 -4.21 -4.10 0.74
C LEU B 115 -4.25 -3.96 2.25
N CYS B 116 -4.24 -2.74 2.76
CA CYS B 116 -4.20 -2.54 4.21
C CYS B 116 -5.48 -1.96 4.76
N SER B 117 -5.90 -2.49 5.90
CA SER B 117 -6.99 -1.95 6.67
C SER B 117 -6.43 -1.19 7.86
N ILE B 118 -6.57 0.11 7.81
CA ILE B 118 -6.14 0.97 8.89
C ILE B 118 -7.21 0.99 9.96
N GLU B 119 -6.83 0.67 11.18
CA GLU B 119 -7.77 0.79 12.26
C GLU B 119 -7.75 2.22 12.77
N GLU B 120 -8.90 2.86 12.76
CA GLU B 120 -8.98 4.28 13.09
C GLU B 120 -8.90 4.50 14.60
N GLY B 121 -9.21 3.44 15.34
CA GLY B 121 -8.97 3.38 16.77
C GLY B 121 -9.54 4.54 17.55
N GLN B 122 -10.73 5.00 17.15
CA GLN B 122 -11.40 6.09 17.84
C GLN B 122 -11.83 5.67 19.25
N ALA B 123 -11.91 4.37 19.46
CA ALA B 123 -12.26 3.82 20.76
C ALA B 123 -11.49 2.53 21.03
N GLY B 1 -16.53 -5.26 15.58
CA GLY B 1 -16.63 -4.22 16.64
C GLY B 1 -15.43 -3.31 16.69
N ALA B 2 -14.86 -3.03 15.52
CA ALA B 2 -13.70 -2.15 15.41
C ALA B 2 -13.70 -1.45 14.07
N MET B 3 -13.30 -0.19 14.07
CA MET B 3 -13.33 0.62 12.85
C MET B 3 -12.10 0.36 11.99
N ALA B 4 -11.96 -0.88 11.56
CA ALA B 4 -10.89 -1.24 10.64
C ALA B 4 -11.28 -0.88 9.21
N MET B 5 -10.74 0.22 8.72
CA MET B 5 -11.10 0.76 7.42
C MET B 5 -10.06 0.44 6.38
N PRO B 6 -10.49 0.01 5.18
CA PRO B 6 -9.58 -0.10 4.04
C PRO B 6 -8.95 1.25 3.74
N MET B 7 -7.64 1.29 3.57
CA MET B 7 -6.91 2.54 3.47
C MET B 7 -7.32 3.35 2.24
N ILE B 8 -7.78 2.70 1.20
CA ILE B 8 -8.31 3.42 0.03
C ILE B 8 -9.61 4.12 0.42
N GLU B 9 -10.45 3.41 1.14
CA GLU B 9 -11.69 3.96 1.68
C GLU B 9 -11.38 5.17 2.55
N TYR B 10 -10.33 5.03 3.35
CA TYR B 10 -9.87 6.11 4.22
C TYR B 10 -9.55 7.35 3.40
N LEU B 11 -8.87 7.15 2.28
CA LEU B 11 -8.51 8.24 1.38
C LEU B 11 -9.74 8.82 0.69
N GLU B 12 -10.60 7.96 0.18
CA GLU B 12 -11.80 8.41 -0.54
C GLU B 12 -12.65 9.33 0.33
N ARG B 13 -12.80 8.97 1.60
CA ARG B 13 -13.68 9.71 2.50
C ARG B 13 -13.04 10.99 3.02
N PHE B 14 -11.82 10.89 3.55
CA PHE B 14 -11.23 11.99 4.29
C PHE B 14 -10.14 12.72 3.48
N SER B 15 -9.31 11.96 2.79
CA SER B 15 -8.12 12.53 2.17
C SER B 15 -8.44 13.21 0.84
N LEU B 16 -9.11 12.50 -0.05
CA LEU B 16 -9.38 12.99 -1.39
C LEU B 16 -10.71 13.73 -1.47
N LYS B 17 -11.65 13.31 -0.62
CA LYS B 17 -13.02 13.83 -0.64
C LYS B 17 -13.68 13.48 -1.97
N ALA B 18 -13.17 12.42 -2.59
CA ALA B 18 -13.65 11.96 -3.88
C ALA B 18 -13.38 10.47 -4.03
N LYS B 19 -14.02 9.86 -5.00
CA LYS B 19 -13.90 8.42 -5.21
C LYS B 19 -12.61 8.09 -5.97
N ILE B 20 -11.86 7.14 -5.44
CA ILE B 20 -10.62 6.69 -6.04
C ILE B 20 -10.92 5.93 -7.32
N ASN B 21 -10.23 6.26 -8.41
CA ASN B 21 -10.50 5.66 -9.70
C ASN B 21 -9.19 5.45 -10.47
N ASN B 22 -9.25 4.82 -11.63
CA ASN B 22 -8.06 4.63 -12.47
C ASN B 22 -7.53 5.98 -12.98
N THR B 23 -8.41 6.98 -13.00
CA THR B 23 -8.04 8.30 -13.48
C THR B 23 -7.33 9.12 -12.40
N THR B 24 -7.52 8.75 -11.15
CA THR B 24 -6.93 9.47 -10.05
C THR B 24 -5.52 8.95 -9.75
N ASN B 25 -4.53 9.82 -9.88
CA ASN B 25 -3.17 9.47 -9.55
C ASN B 25 -2.87 9.88 -8.12
N LEU B 26 -2.37 8.95 -7.33
CA LEU B 26 -2.26 9.16 -5.88
C LEU B 26 -1.19 10.17 -5.52
N ASP B 27 -0.28 10.47 -6.45
CA ASP B 27 0.82 11.41 -6.17
C ASP B 27 0.29 12.75 -5.69
N TYR B 28 -0.86 13.14 -6.23
CA TYR B 28 -1.46 14.44 -5.95
C TYR B 28 -1.89 14.58 -4.48
N SER B 29 -2.09 13.47 -3.79
CA SER B 29 -2.37 13.54 -2.35
C SER B 29 -1.29 12.85 -1.52
N ARG B 30 -0.90 11.65 -1.98
CA ARG B 30 -0.06 10.74 -1.21
C ARG B 30 1.29 11.39 -0.87
N ARG B 31 1.76 12.24 -1.77
CA ARG B 31 3.02 12.96 -1.57
C ARG B 31 2.98 13.83 -0.33
N PHE B 32 1.83 14.42 -0.04
CA PHE B 32 1.71 15.36 1.06
C PHE B 32 1.26 14.64 2.32
N LEU B 33 0.82 13.41 2.16
CA LEU B 33 0.27 12.64 3.27
C LEU B 33 1.37 11.87 4.00
N GLU B 34 2.59 11.92 3.45
CA GLU B 34 3.75 11.21 4.01
C GLU B 34 3.87 11.37 5.53
N PRO B 35 3.87 12.61 6.08
CA PRO B 35 4.04 12.81 7.52
C PRO B 35 2.95 12.12 8.35
N PHE B 36 1.82 11.83 7.72
CA PHE B 36 0.74 11.13 8.38
C PHE B 36 1.00 9.63 8.37
N LEU B 37 1.41 9.11 7.21
CA LEU B 37 1.70 7.69 7.07
C LEU B 37 2.93 7.30 7.89
N ARG B 38 3.82 8.27 8.07
CA ARG B 38 5.02 8.05 8.85
C ARG B 38 4.67 7.81 10.30
N GLY B 39 4.64 6.55 10.70
CA GLY B 39 4.32 6.20 12.06
C GLY B 39 2.89 5.75 12.23
N ILE B 40 2.39 4.97 11.28
CA ILE B 40 1.06 4.36 11.45
C ILE B 40 1.17 2.84 11.54
N ASN B 41 0.07 2.21 11.87
CA ASN B 41 -0.01 0.76 11.91
C ASN B 41 -1.09 0.29 10.95
N VAL B 42 -0.74 -0.67 10.12
CA VAL B 42 -1.69 -1.17 9.14
C VAL B 42 -1.84 -2.67 9.28
N VAL B 43 -3.07 -3.14 9.19
CA VAL B 43 -3.33 -4.56 9.08
C VAL B 43 -3.32 -4.92 7.61
N TYR B 44 -2.25 -5.53 7.16
CA TYR B 44 -2.09 -5.83 5.76
C TYR B 44 -2.81 -7.12 5.43
N THR B 45 -3.83 -7.01 4.59
CA THR B 45 -4.62 -8.16 4.20
C THR B 45 -4.13 -8.72 2.87
N PRO B 46 -3.41 -9.84 2.91
CA PRO B 46 -2.85 -10.47 1.72
C PRO B 46 -3.80 -11.47 1.08
N PRO B 47 -3.91 -11.43 -0.26
CA PRO B 47 -4.66 -12.43 -1.01
C PRO B 47 -4.18 -13.85 -0.71
N GLN B 48 -5.10 -14.80 -0.76
CA GLN B 48 -4.85 -16.18 -0.36
C GLN B 48 -3.73 -16.85 -1.18
N SER B 49 -3.33 -16.23 -2.28
CA SER B 49 -2.25 -16.75 -3.10
C SER B 49 -0.89 -16.39 -2.51
N PHE B 50 -0.90 -15.52 -1.49
CA PHE B 50 0.33 -15.16 -0.79
C PHE B 50 0.64 -16.16 0.32
N GLN B 51 -0.37 -16.96 0.65
CA GLN B 51 -0.27 -17.98 1.70
C GLN B 51 0.08 -17.34 3.04
N SER B 52 -0.35 -16.09 3.20
CA SER B 52 -0.03 -15.32 4.39
C SER B 52 -1.32 -14.76 5.01
N ALA B 53 -1.29 -14.53 6.32
CA ALA B 53 -2.44 -14.03 7.04
C ALA B 53 -2.26 -12.55 7.36
N PRO B 54 -3.38 -11.78 7.44
CA PRO B 54 -3.33 -10.35 7.76
C PRO B 54 -2.50 -10.06 9.00
N ARG B 55 -1.62 -9.09 8.90
CA ARG B 55 -0.66 -8.82 9.98
C ARG B 55 -0.39 -7.32 10.13
N VAL B 56 0.14 -6.97 11.29
CA VAL B 56 0.42 -5.58 11.65
C VAL B 56 1.74 -5.10 11.06
N TYR B 57 1.72 -3.92 10.45
CA TYR B 57 2.94 -3.29 9.97
C TYR B 57 3.02 -1.86 10.46
N ARG B 58 4.19 -1.47 10.92
CA ARG B 58 4.44 -0.09 11.30
C ARG B 58 4.98 0.66 10.10
N VAL B 59 4.13 1.46 9.50
CA VAL B 59 4.46 2.19 8.29
C VAL B 59 5.38 3.35 8.59
N ASN B 60 6.55 3.37 7.95
CA ASN B 60 7.55 4.40 8.17
C ASN B 60 7.29 5.59 7.26
N GLY B 61 6.57 5.35 6.18
CA GLY B 61 6.20 6.43 5.28
C GLY B 61 5.76 5.93 3.93
N LEU B 62 6.18 6.61 2.88
CA LEU B 62 5.71 6.33 1.53
C LEU B 62 6.83 6.43 0.53
N SER B 63 6.63 5.80 -0.62
CA SER B 63 7.57 5.91 -1.72
C SER B 63 7.21 7.14 -2.56
N ARG B 64 8.22 7.78 -3.12
CA ARG B 64 8.02 8.96 -3.96
C ARG B 64 7.43 8.57 -5.30
N ALA B 65 7.63 7.32 -5.68
CA ALA B 65 7.11 6.81 -6.94
C ALA B 65 6.21 5.62 -6.70
N PRO B 66 5.17 5.45 -7.52
CA PRO B 66 4.31 4.26 -7.48
C PRO B 66 5.11 3.00 -7.75
N ALA B 67 4.97 2.02 -6.87
CA ALA B 67 5.76 0.78 -6.92
C ALA B 67 5.54 0.03 -8.22
N SER B 68 4.50 0.38 -8.95
CA SER B 68 4.22 -0.23 -10.25
C SER B 68 5.25 0.22 -11.28
N SER B 69 5.94 1.31 -10.99
CA SER B 69 6.99 1.81 -11.86
C SER B 69 8.36 1.58 -11.24
N GLU B 70 8.37 0.89 -10.10
CA GLU B 70 9.61 0.62 -9.40
C GLU B 70 9.97 -0.86 -9.50
N THR B 71 11.22 -1.15 -9.80
CA THR B 71 11.65 -2.52 -10.05
C THR B 71 12.70 -2.97 -9.05
N PHE B 72 12.74 -4.28 -8.82
CA PHE B 72 13.81 -4.90 -8.06
C PHE B 72 14.40 -6.05 -8.85
N GLU B 73 15.71 -6.16 -8.85
CA GLU B 73 16.38 -7.18 -9.64
C GLU B 73 16.41 -8.50 -8.88
N HIS B 74 15.65 -9.47 -9.40
CA HIS B 74 15.58 -10.79 -8.79
C HIS B 74 15.97 -11.83 -9.83
N ASP B 75 17.21 -12.31 -9.70
CA ASP B 75 17.77 -13.32 -10.61
C ASP B 75 17.95 -12.76 -12.02
N GLY B 76 18.41 -11.52 -12.10
CA GLY B 76 18.69 -10.91 -13.38
C GLY B 76 17.48 -10.22 -13.97
N LYS B 77 16.32 -10.54 -13.43
CA LYS B 77 15.08 -9.98 -13.94
C LYS B 77 14.66 -8.81 -13.06
N LYS B 78 14.51 -7.64 -13.66
CA LYS B 78 14.02 -6.48 -12.93
C LYS B 78 12.52 -6.42 -13.00
N VAL B 79 11.87 -6.96 -11.98
CA VAL B 79 10.42 -6.99 -11.92
C VAL B 79 9.90 -5.89 -11.02
N THR B 80 8.71 -5.40 -11.34
CA THR B 80 8.09 -4.35 -10.55
C THR B 80 7.36 -4.95 -9.36
N ILE B 81 7.07 -4.14 -8.36
CA ILE B 81 6.28 -4.60 -7.23
C ILE B 81 4.91 -5.09 -7.73
N ALA B 82 4.38 -4.39 -8.72
CA ALA B 82 3.11 -4.76 -9.32
C ALA B 82 3.18 -6.13 -10.00
N SER B 83 4.27 -6.39 -10.73
CA SER B 83 4.43 -7.66 -11.41
C SER B 83 4.62 -8.80 -10.41
N TYR B 84 5.17 -8.47 -9.25
CA TYR B 84 5.32 -9.45 -8.18
C TYR B 84 3.95 -9.91 -7.71
N PHE B 85 3.05 -8.95 -7.49
CA PHE B 85 1.69 -9.26 -7.10
C PHE B 85 0.95 -9.96 -8.23
N HIS B 86 1.24 -9.56 -9.46
CA HIS B 86 0.66 -10.22 -10.62
C HIS B 86 1.11 -11.69 -10.68
N SER B 87 2.35 -11.94 -10.26
CA SER B 87 2.87 -13.29 -10.12
C SER B 87 2.17 -14.02 -8.98
N ARG B 88 1.67 -13.23 -8.03
CA ARG B 88 0.86 -13.77 -6.94
C ARG B 88 -0.60 -13.86 -7.38
N ASN B 89 -0.81 -13.79 -8.69
CA ASN B 89 -2.12 -13.90 -9.30
C ASN B 89 -3.05 -12.82 -8.79
N TYR B 90 -2.48 -11.66 -8.48
CA TYR B 90 -3.25 -10.53 -8.02
C TYR B 90 -2.85 -9.28 -8.77
N PRO B 91 -3.59 -8.95 -9.84
CA PRO B 91 -3.38 -7.71 -10.57
C PRO B 91 -3.92 -6.53 -9.79
N LEU B 92 -3.03 -5.60 -9.45
CA LEU B 92 -3.41 -4.42 -8.67
C LEU B 92 -4.48 -3.62 -9.39
N LYS B 93 -5.43 -3.12 -8.62
CA LYS B 93 -6.56 -2.39 -9.18
C LYS B 93 -6.22 -0.92 -9.34
N PHE B 94 -5.31 -0.45 -8.50
CA PHE B 94 -4.86 0.94 -8.55
C PHE B 94 -3.33 1.01 -8.59
N PRO B 95 -2.72 0.63 -9.73
CA PRO B 95 -1.27 0.64 -9.89
C PRO B 95 -0.64 2.01 -9.66
N GLN B 96 -1.44 3.06 -9.72
CA GLN B 96 -0.93 4.42 -9.64
C GLN B 96 -0.85 4.92 -8.20
N LEU B 97 -0.89 4.00 -7.24
CA LEU B 97 -0.81 4.38 -5.83
C LEU B 97 0.62 4.23 -5.32
N HIS B 98 1.01 5.16 -4.45
CA HIS B 98 2.30 5.08 -3.79
C HIS B 98 2.22 4.15 -2.61
N CYS B 99 3.01 3.09 -2.67
CA CYS B 99 2.96 2.05 -1.67
C CYS B 99 3.64 2.47 -0.37
N LEU B 100 3.27 1.80 0.70
CA LEU B 100 3.73 2.13 2.05
C LEU B 100 5.14 1.64 2.28
N ASN B 101 6.04 2.53 2.62
CA ASN B 101 7.36 2.09 3.04
C ASN B 101 7.29 1.65 4.49
N VAL B 102 6.99 0.38 4.65
CA VAL B 102 6.80 -0.20 5.95
C VAL B 102 7.98 -1.09 6.29
N GLY B 103 7.79 -1.96 7.26
CA GLY B 103 8.84 -2.83 7.69
C GLY B 103 9.75 -2.13 8.67
N SER B 104 11.04 -2.40 8.57
CA SER B 104 12.02 -1.74 9.38
C SER B 104 12.93 -0.91 8.49
N SER B 105 13.89 -0.20 9.06
CA SER B 105 14.82 0.57 8.25
C SER B 105 15.59 -0.35 7.31
N ILE B 106 15.94 -1.53 7.80
CA ILE B 106 16.64 -2.53 6.99
C ILE B 106 15.69 -3.19 5.99
N LYS B 107 14.53 -3.65 6.47
CA LYS B 107 13.52 -4.20 5.60
C LYS B 107 12.64 -3.09 5.04
N SER B 108 13.11 -2.46 3.99
CA SER B 108 12.35 -1.42 3.33
C SER B 108 11.37 -2.04 2.37
N ILE B 109 10.16 -2.27 2.84
CA ILE B 109 9.17 -2.96 2.03
C ILE B 109 7.99 -2.06 1.72
N LEU B 110 7.65 -1.97 0.44
CA LEU B 110 6.60 -1.09 -0.02
C LEU B 110 5.30 -1.89 -0.17
N LEU B 111 4.30 -1.56 0.63
CA LEU B 111 3.07 -2.33 0.64
C LEU B 111 1.95 -1.53 0.00
N PRO B 112 1.35 -2.06 -1.08
CA PRO B 112 0.22 -1.42 -1.76
C PRO B 112 -0.88 -1.05 -0.79
N ILE B 113 -1.12 0.24 -0.65
CA ILE B 113 -2.11 0.78 0.28
C ILE B 113 -3.51 0.21 -0.02
N GLU B 114 -3.70 -0.26 -1.25
CA GLU B 114 -4.95 -0.89 -1.68
C GLU B 114 -5.33 -2.06 -0.77
N LEU B 115 -4.33 -2.82 -0.33
CA LEU B 115 -4.55 -4.03 0.45
C LEU B 115 -4.29 -3.81 1.93
N CYS B 116 -4.28 -2.55 2.34
CA CYS B 116 -3.99 -2.23 3.72
C CYS B 116 -5.26 -1.82 4.46
N SER B 117 -5.45 -2.39 5.64
CA SER B 117 -6.57 -2.03 6.49
C SER B 117 -6.08 -1.22 7.68
N ILE B 118 -6.44 0.05 7.71
CA ILE B 118 -6.07 0.92 8.81
C ILE B 118 -7.10 0.81 9.91
N GLU B 119 -6.68 0.29 11.06
CA GLU B 119 -7.59 0.12 12.17
C GLU B 119 -7.86 1.47 12.84
N GLU B 120 -8.93 1.53 13.63
CA GLU B 120 -9.41 2.78 14.20
C GLU B 120 -8.32 3.58 14.90
N GLY B 121 -7.51 2.91 15.71
CA GLY B 121 -6.46 3.58 16.45
C GLY B 121 -7.01 4.35 17.63
N GLN B 122 -8.23 4.01 18.03
CA GLN B 122 -8.87 4.67 19.16
C GLN B 122 -8.25 4.20 20.47
N ALA B 123 -7.66 3.02 20.43
CA ALA B 123 -6.97 2.46 21.59
C ALA B 123 -5.61 1.92 21.16
N GLY B 1 -16.02 -4.33 18.45
CA GLY B 1 -14.98 -5.35 18.20
C GLY B 1 -13.73 -4.76 17.59
N ALA B 2 -13.87 -4.19 16.40
CA ALA B 2 -12.74 -3.63 15.68
C ALA B 2 -13.17 -2.48 14.79
N MET B 3 -12.27 -1.52 14.61
CA MET B 3 -12.51 -0.40 13.70
C MET B 3 -11.56 -0.48 12.53
N ALA B 4 -11.99 -1.20 11.52
CA ALA B 4 -11.17 -1.43 10.35
C ALA B 4 -11.69 -0.64 9.16
N MET B 5 -10.81 0.06 8.48
CA MET B 5 -11.15 0.75 7.25
C MET B 5 -10.11 0.44 6.19
N PRO B 6 -10.55 0.15 4.96
CA PRO B 6 -9.61 0.01 3.84
C PRO B 6 -8.89 1.33 3.61
N MET B 7 -7.56 1.28 3.59
CA MET B 7 -6.75 2.49 3.49
C MET B 7 -7.04 3.28 2.21
N ILE B 8 -7.55 2.61 1.19
CA ILE B 8 -8.01 3.30 0.00
C ILE B 8 -9.25 4.13 0.32
N GLU B 9 -10.24 3.50 0.96
CA GLU B 9 -11.46 4.21 1.37
C GLU B 9 -11.13 5.33 2.34
N TYR B 10 -10.13 5.10 3.19
CA TYR B 10 -9.67 6.11 4.13
C TYR B 10 -9.30 7.38 3.37
N LEU B 11 -8.52 7.23 2.31
CA LEU B 11 -8.09 8.34 1.50
C LEU B 11 -9.26 8.96 0.72
N GLU B 12 -10.16 8.11 0.26
CA GLU B 12 -11.35 8.59 -0.47
C GLU B 12 -12.15 9.55 0.40
N ARG B 13 -12.38 9.15 1.63
CA ARG B 13 -13.24 9.89 2.53
C ARG B 13 -12.57 11.16 3.06
N PHE B 14 -11.35 11.01 3.58
CA PHE B 14 -10.73 12.11 4.31
C PHE B 14 -9.63 12.81 3.53
N SER B 15 -8.81 12.05 2.83
CA SER B 15 -7.57 12.60 2.26
C SER B 15 -7.83 13.33 0.94
N LEU B 16 -8.50 12.67 0.03
CA LEU B 16 -8.74 13.22 -1.30
C LEU B 16 -10.14 13.80 -1.45
N LYS B 17 -11.04 13.36 -0.57
CA LYS B 17 -12.45 13.75 -0.61
C LYS B 17 -13.11 13.23 -1.89
N ALA B 18 -12.41 12.34 -2.57
CA ALA B 18 -12.86 11.80 -3.84
C ALA B 18 -12.60 10.31 -3.88
N LYS B 19 -13.49 9.58 -4.53
CA LYS B 19 -13.39 8.13 -4.64
C LYS B 19 -12.22 7.74 -5.52
N ILE B 20 -11.46 6.77 -5.04
CA ILE B 20 -10.29 6.29 -5.73
C ILE B 20 -10.68 5.48 -6.95
N ASN B 21 -10.37 6.02 -8.11
CA ASN B 21 -10.64 5.34 -9.37
C ASN B 21 -9.33 5.08 -10.09
N ASN B 22 -9.41 4.56 -11.30
CA ASN B 22 -8.20 4.27 -12.07
C ASN B 22 -7.51 5.57 -12.50
N THR B 23 -8.30 6.61 -12.64
CA THR B 23 -7.82 7.89 -13.14
C THR B 23 -7.24 8.78 -12.04
N THR B 24 -7.59 8.50 -10.79
CA THR B 24 -7.16 9.36 -9.69
C THR B 24 -5.73 9.06 -9.26
N ASN B 25 -4.87 10.08 -9.36
CA ASN B 25 -3.49 9.96 -8.92
C ASN B 25 -3.36 10.42 -7.48
N LEU B 26 -3.24 9.46 -6.57
CA LEU B 26 -3.11 9.74 -5.15
C LEU B 26 -1.85 10.55 -4.85
N ASP B 27 -0.86 10.42 -5.73
CA ASP B 27 0.45 11.06 -5.57
C ASP B 27 0.34 12.53 -5.15
N TYR B 28 -0.57 13.25 -5.80
CA TYR B 28 -0.68 14.69 -5.63
C TYR B 28 -0.87 15.08 -4.17
N SER B 29 -1.74 14.36 -3.47
CA SER B 29 -2.06 14.70 -2.09
C SER B 29 -1.26 13.86 -1.11
N ARG B 30 -1.14 12.57 -1.41
CA ARG B 30 -0.48 11.63 -0.49
C ARG B 30 0.97 12.05 -0.25
N ARG B 31 1.55 12.71 -1.22
CA ARG B 31 2.90 13.26 -1.09
C ARG B 31 2.99 14.24 0.09
N PHE B 32 1.93 15.04 0.28
CA PHE B 32 1.88 15.96 1.42
C PHE B 32 1.41 15.20 2.65
N LEU B 33 0.79 14.07 2.41
CA LEU B 33 0.22 13.24 3.46
C LEU B 33 1.29 12.33 4.07
N GLU B 34 2.44 12.24 3.40
CA GLU B 34 3.58 11.47 3.88
C GLU B 34 3.87 11.67 5.37
N PRO B 35 3.99 12.93 5.88
CA PRO B 35 4.27 13.18 7.29
C PRO B 35 3.17 12.62 8.20
N PHE B 36 1.96 12.54 7.68
CA PHE B 36 0.83 11.98 8.41
C PHE B 36 0.87 10.45 8.37
N LEU B 37 1.28 9.91 7.24
CA LEU B 37 1.42 8.46 7.06
C LEU B 37 2.55 7.93 7.93
N ARG B 38 3.45 8.83 8.31
CA ARG B 38 4.56 8.48 9.19
C ARG B 38 4.05 8.15 10.58
N GLY B 39 4.13 6.88 10.94
CA GLY B 39 3.79 6.49 12.29
C GLY B 39 2.39 5.94 12.41
N ILE B 40 1.83 5.48 11.30
CA ILE B 40 0.51 4.87 11.35
C ILE B 40 0.66 3.37 11.50
N ASN B 41 -0.43 2.68 11.78
CA ASN B 41 -0.39 1.24 11.87
C ASN B 41 -1.46 0.66 10.97
N VAL B 42 -1.13 -0.40 10.26
CA VAL B 42 -2.06 -0.99 9.32
C VAL B 42 -2.11 -2.49 9.53
N VAL B 43 -3.29 -3.07 9.42
CA VAL B 43 -3.40 -4.50 9.39
C VAL B 43 -3.39 -4.94 7.94
N TYR B 44 -2.24 -5.43 7.51
CA TYR B 44 -2.03 -5.75 6.12
C TYR B 44 -2.47 -7.16 5.85
N THR B 45 -3.45 -7.31 4.97
CA THR B 45 -3.96 -8.62 4.65
C THR B 45 -3.48 -9.06 3.27
N PRO B 46 -2.50 -9.96 3.23
CA PRO B 46 -1.96 -10.50 1.99
C PRO B 46 -2.89 -11.55 1.38
N PRO B 47 -3.15 -11.44 0.07
CA PRO B 47 -4.02 -12.38 -0.65
C PRO B 47 -3.57 -13.83 -0.46
N GLN B 48 -4.52 -14.75 -0.60
CA GLN B 48 -4.29 -16.17 -0.34
C GLN B 48 -3.29 -16.78 -1.32
N SER B 49 -2.89 -16.02 -2.32
CA SER B 49 -1.88 -16.48 -3.26
C SER B 49 -0.48 -16.35 -2.65
N PHE B 50 -0.37 -15.49 -1.64
CA PHE B 50 0.88 -15.35 -0.88
C PHE B 50 0.87 -16.29 0.32
N GLN B 51 -0.33 -16.76 0.66
CA GLN B 51 -0.54 -17.71 1.76
C GLN B 51 -0.08 -17.12 3.09
N SER B 52 -0.23 -15.82 3.23
CA SER B 52 0.21 -15.14 4.44
C SER B 52 -1.01 -14.71 5.28
N ALA B 53 -0.73 -14.10 6.42
CA ALA B 53 -1.77 -13.74 7.37
C ALA B 53 -1.70 -12.24 7.67
N PRO B 54 -2.86 -11.61 7.92
CA PRO B 54 -2.92 -10.18 8.22
C PRO B 54 -2.15 -9.82 9.49
N ARG B 55 -1.30 -8.80 9.38
CA ARG B 55 -0.46 -8.38 10.49
C ARG B 55 -0.48 -6.88 10.64
N VAL B 56 -0.27 -6.39 11.86
CA VAL B 56 -0.19 -4.97 12.12
C VAL B 56 1.23 -4.47 11.89
N TYR B 57 1.38 -3.50 11.01
CA TYR B 57 2.69 -2.96 10.70
C TYR B 57 2.70 -1.46 10.92
N ARG B 58 3.79 -0.96 11.48
CA ARG B 58 3.95 0.47 11.69
C ARG B 58 4.51 1.10 10.42
N VAL B 59 3.65 1.82 9.73
CA VAL B 59 4.01 2.46 8.48
C VAL B 59 4.87 3.69 8.73
N ASN B 60 6.06 3.68 8.14
CA ASN B 60 7.02 4.76 8.29
C ASN B 60 6.64 5.94 7.40
N GLY B 61 6.02 5.63 6.29
CA GLY B 61 5.55 6.67 5.39
C GLY B 61 5.15 6.13 4.04
N LEU B 62 5.41 6.90 3.00
CA LEU B 62 5.01 6.51 1.65
C LEU B 62 6.20 6.47 0.73
N SER B 63 6.04 5.79 -0.38
CA SER B 63 7.05 5.76 -1.41
C SER B 63 6.77 6.87 -2.40
N ARG B 64 7.83 7.52 -2.88
CA ARG B 64 7.70 8.61 -3.83
C ARG B 64 7.48 8.07 -5.24
N ALA B 65 7.58 6.76 -5.37
CA ALA B 65 7.35 6.09 -6.65
C ALA B 65 6.31 4.99 -6.49
N PRO B 66 5.40 4.86 -7.47
CA PRO B 66 4.36 3.82 -7.47
C PRO B 66 4.93 2.42 -7.70
N ALA B 67 4.14 1.42 -7.31
CA ALA B 67 4.57 0.01 -7.40
C ALA B 67 4.81 -0.44 -8.83
N SER B 68 4.32 0.35 -9.78
CA SER B 68 4.50 0.04 -11.19
C SER B 68 5.80 0.62 -11.72
N SER B 69 6.50 1.40 -10.90
CA SER B 69 7.72 2.05 -11.31
C SER B 69 8.94 1.40 -10.66
N GLU B 70 8.72 0.80 -9.48
CA GLU B 70 9.80 0.14 -8.75
C GLU B 70 10.01 -1.29 -9.25
N THR B 71 11.27 -1.70 -9.35
CA THR B 71 11.63 -3.01 -9.88
C THR B 71 12.57 -3.75 -8.95
N PHE B 72 12.62 -5.07 -9.10
CA PHE B 72 13.59 -5.90 -8.38
C PHE B 72 14.01 -7.06 -9.27
N GLU B 73 15.21 -7.57 -9.05
CA GLU B 73 15.74 -8.63 -9.90
C GLU B 73 15.29 -10.01 -9.41
N HIS B 74 14.45 -10.65 -10.21
CA HIS B 74 14.00 -12.00 -9.92
C HIS B 74 14.52 -12.96 -10.98
N ASP B 75 15.57 -13.69 -10.62
CA ASP B 75 16.22 -14.67 -11.50
C ASP B 75 16.74 -14.01 -12.77
N GLY B 76 17.41 -12.87 -12.59
CA GLY B 76 18.03 -12.18 -13.71
C GLY B 76 17.06 -11.30 -14.47
N LYS B 77 15.86 -11.14 -13.93
CA LYS B 77 14.85 -10.29 -14.56
C LYS B 77 14.44 -9.16 -13.63
N LYS B 78 14.59 -7.93 -14.08
CA LYS B 78 14.14 -6.80 -13.28
C LYS B 78 12.66 -6.57 -13.52
N VAL B 79 11.84 -7.13 -12.65
CA VAL B 79 10.40 -7.06 -12.79
C VAL B 79 9.85 -6.02 -11.83
N THR B 80 8.79 -5.34 -12.23
CA THR B 80 8.18 -4.33 -11.39
C THR B 80 7.37 -4.97 -10.27
N ILE B 81 7.27 -4.29 -9.14
CA ILE B 81 6.51 -4.80 -8.00
C ILE B 81 5.09 -5.19 -8.44
N ALA B 82 4.50 -4.34 -9.27
CA ALA B 82 3.15 -4.55 -9.79
C ALA B 82 3.03 -5.85 -10.58
N SER B 83 4.04 -6.14 -11.38
CA SER B 83 4.03 -7.35 -12.22
C SER B 83 4.25 -8.59 -11.38
N TYR B 84 4.96 -8.44 -10.25
CA TYR B 84 5.16 -9.55 -9.33
C TYR B 84 3.83 -9.99 -8.75
N PHE B 85 2.98 -9.02 -8.41
CA PHE B 85 1.65 -9.32 -7.90
C PHE B 85 0.82 -10.01 -8.97
N HIS B 86 0.96 -9.53 -10.20
CA HIS B 86 0.24 -10.11 -11.34
C HIS B 86 0.60 -11.58 -11.51
N SER B 87 1.86 -11.90 -11.22
CA SER B 87 2.33 -13.28 -11.25
C SER B 87 1.64 -14.09 -10.16
N ARG B 88 1.32 -13.44 -9.05
CA ARG B 88 0.64 -14.08 -7.92
C ARG B 88 -0.87 -14.15 -8.15
N ASN B 89 -1.27 -14.18 -9.43
CA ASN B 89 -2.70 -14.25 -9.80
C ASN B 89 -3.44 -13.06 -9.22
N TYR B 90 -2.71 -12.00 -8.97
CA TYR B 90 -3.24 -10.83 -8.32
C TYR B 90 -2.92 -9.57 -9.12
N PRO B 91 -3.76 -9.24 -10.11
CA PRO B 91 -3.59 -8.03 -10.90
C PRO B 91 -3.93 -6.78 -10.10
N LEU B 92 -2.98 -5.86 -9.98
CA LEU B 92 -3.20 -4.63 -9.24
C LEU B 92 -4.35 -3.83 -9.83
N LYS B 93 -5.35 -3.58 -8.99
CA LYS B 93 -6.51 -2.78 -9.37
C LYS B 93 -6.08 -1.37 -9.75
N PHE B 94 -5.09 -0.88 -9.02
CA PHE B 94 -4.58 0.47 -9.23
C PHE B 94 -3.06 0.44 -9.21
N PRO B 95 -2.42 0.09 -10.34
CA PRO B 95 -0.96 0.08 -10.47
C PRO B 95 -0.35 1.46 -10.22
N GLN B 96 -1.18 2.50 -10.23
CA GLN B 96 -0.73 3.86 -10.00
C GLN B 96 -0.59 4.16 -8.51
N LEU B 97 -0.65 3.11 -7.70
CA LEU B 97 -0.57 3.25 -6.25
C LEU B 97 0.84 3.43 -5.76
N HIS B 98 1.03 4.45 -4.96
CA HIS B 98 2.23 4.58 -4.14
C HIS B 98 2.08 3.69 -2.93
N CYS B 99 3.07 2.85 -2.71
CA CYS B 99 3.04 1.90 -1.61
C CYS B 99 3.44 2.56 -0.29
N LEU B 100 3.13 1.87 0.81
CA LEU B 100 3.53 2.32 2.12
C LEU B 100 4.94 1.84 2.41
N ASN B 101 5.77 2.70 2.95
CA ASN B 101 7.08 2.29 3.39
C ASN B 101 6.97 1.78 4.81
N VAL B 102 6.99 0.47 4.92
CA VAL B 102 6.86 -0.19 6.19
C VAL B 102 8.04 -1.12 6.43
N GLY B 103 7.94 -1.91 7.47
CA GLY B 103 8.93 -2.91 7.73
C GLY B 103 9.97 -2.44 8.74
N SER B 104 11.22 -2.46 8.33
CA SER B 104 12.32 -2.08 9.19
C SER B 104 13.48 -1.53 8.35
N SER B 105 14.58 -1.19 9.02
CA SER B 105 15.77 -0.70 8.32
C SER B 105 16.31 -1.77 7.37
N ILE B 106 16.40 -3.01 7.86
CA ILE B 106 16.95 -4.10 7.05
C ILE B 106 15.97 -4.52 5.96
N LYS B 107 14.74 -4.74 6.38
CA LYS B 107 13.65 -5.04 5.46
C LYS B 107 12.78 -3.82 5.24
N SER B 108 13.14 -3.03 4.24
CA SER B 108 12.30 -1.93 3.81
C SER B 108 11.29 -2.43 2.80
N ILE B 109 10.04 -2.49 3.19
CA ILE B 109 9.01 -3.03 2.32
C ILE B 109 7.99 -1.99 1.93
N LEU B 110 7.75 -1.90 0.64
CA LEU B 110 6.73 -1.02 0.11
C LEU B 110 5.45 -1.84 -0.10
N LEU B 111 4.40 -1.51 0.63
CA LEU B 111 3.18 -2.31 0.59
C LEU B 111 2.06 -1.59 -0.14
N PRO B 112 1.41 -2.24 -1.12
CA PRO B 112 0.24 -1.68 -1.78
C PRO B 112 -0.87 -1.31 -0.80
N ILE B 113 -1.17 -0.01 -0.74
CA ILE B 113 -2.10 0.54 0.25
C ILE B 113 -3.51 -0.07 0.15
N GLU B 114 -3.84 -0.64 -1.00
CA GLU B 114 -5.13 -1.30 -1.20
C GLU B 114 -5.30 -2.49 -0.23
N LEU B 115 -4.21 -3.20 0.03
CA LEU B 115 -4.29 -4.44 0.81
C LEU B 115 -4.16 -4.19 2.31
N CYS B 116 -3.90 -2.96 2.70
CA CYS B 116 -3.76 -2.64 4.10
C CYS B 116 -5.04 -2.05 4.66
N SER B 117 -5.57 -2.67 5.69
CA SER B 117 -6.72 -2.17 6.39
C SER B 117 -6.27 -1.41 7.62
N ILE B 118 -6.48 -0.11 7.59
CA ILE B 118 -6.12 0.72 8.72
C ILE B 118 -7.11 0.47 9.83
N GLU B 119 -6.68 -0.27 10.82
CA GLU B 119 -7.49 -0.53 11.98
C GLU B 119 -7.01 0.37 13.10
N GLU B 120 -7.93 0.82 13.94
CA GLU B 120 -7.63 1.88 14.89
C GLU B 120 -6.59 1.46 15.93
N GLY B 121 -6.31 0.17 16.00
CA GLY B 121 -5.30 -0.32 16.93
C GLY B 121 -5.90 -0.71 18.26
N GLN B 122 -6.74 0.18 18.81
CA GLN B 122 -7.43 -0.08 20.07
C GLN B 122 -8.42 -1.23 19.88
N ALA B 123 -8.94 -1.34 18.67
CA ALA B 123 -9.89 -2.37 18.33
C ALA B 123 -9.52 -2.98 16.99
N GLY B 1 -14.99 -9.19 14.79
CA GLY B 1 -15.10 -7.75 15.09
C GLY B 1 -13.81 -7.01 14.81
N ALA B 2 -13.87 -6.01 13.95
CA ALA B 2 -12.68 -5.29 13.53
C ALA B 2 -12.97 -3.80 13.36
N MET B 3 -11.92 -3.00 13.41
CA MET B 3 -12.04 -1.56 13.20
C MET B 3 -11.27 -1.18 11.95
N ALA B 4 -11.08 -2.18 11.10
CA ALA B 4 -10.23 -2.06 9.93
C ALA B 4 -10.91 -1.29 8.81
N MET B 5 -10.27 -0.21 8.40
CA MET B 5 -10.71 0.55 7.25
C MET B 5 -9.79 0.33 6.08
N PRO B 6 -10.32 -0.14 4.94
CA PRO B 6 -9.52 -0.23 3.71
C PRO B 6 -8.88 1.12 3.42
N MET B 7 -7.56 1.14 3.32
CA MET B 7 -6.82 2.40 3.27
C MET B 7 -7.21 3.26 2.08
N ILE B 8 -7.68 2.64 1.01
CA ILE B 8 -8.20 3.38 -0.13
C ILE B 8 -9.48 4.12 0.27
N GLU B 9 -10.38 3.41 0.94
CA GLU B 9 -11.62 3.99 1.43
C GLU B 9 -11.33 5.11 2.43
N TYR B 10 -10.30 4.89 3.25
CA TYR B 10 -9.85 5.89 4.20
C TYR B 10 -9.53 7.21 3.47
N LEU B 11 -8.74 7.09 2.41
CA LEU B 11 -8.35 8.24 1.61
C LEU B 11 -9.53 8.83 0.84
N GLU B 12 -10.45 7.98 0.40
CA GLU B 12 -11.62 8.44 -0.34
C GLU B 12 -12.38 9.47 0.47
N ARG B 13 -12.75 9.10 1.67
CA ARG B 13 -13.62 9.91 2.50
C ARG B 13 -12.90 11.06 3.21
N PHE B 14 -11.75 10.78 3.79
CA PHE B 14 -11.06 11.77 4.61
C PHE B 14 -10.08 12.62 3.81
N SER B 15 -9.26 11.97 3.01
CA SER B 15 -8.12 12.64 2.38
C SER B 15 -8.51 13.36 1.10
N LEU B 16 -9.19 12.64 0.21
CA LEU B 16 -9.55 13.17 -1.09
C LEU B 16 -10.91 13.86 -1.04
N LYS B 17 -11.74 13.41 -0.10
CA LYS B 17 -13.13 13.87 0.02
C LYS B 17 -13.92 13.47 -1.23
N ALA B 18 -13.41 12.47 -1.92
CA ALA B 18 -13.97 11.99 -3.16
C ALA B 18 -13.51 10.56 -3.40
N LYS B 19 -14.32 9.81 -4.13
CA LYS B 19 -14.08 8.39 -4.33
C LYS B 19 -12.89 8.14 -5.24
N ILE B 20 -12.00 7.27 -4.78
CA ILE B 20 -10.86 6.84 -5.56
C ILE B 20 -11.34 6.01 -6.76
N ASN B 21 -10.96 6.46 -7.94
CA ASN B 21 -11.36 5.80 -9.17
C ASN B 21 -10.13 5.39 -9.97
N ASN B 22 -10.35 4.59 -11.00
CA ASN B 22 -9.25 3.94 -11.73
C ASN B 22 -8.38 4.93 -12.49
N THR B 23 -8.76 6.20 -12.50
CA THR B 23 -7.99 7.22 -13.20
C THR B 23 -7.29 8.17 -12.21
N THR B 24 -7.46 7.96 -10.91
CA THR B 24 -6.84 8.84 -9.92
C THR B 24 -5.40 8.43 -9.66
N ASN B 25 -4.48 9.35 -9.93
CA ASN B 25 -3.07 9.12 -9.64
C ASN B 25 -2.81 9.53 -8.20
N LEU B 26 -2.52 8.55 -7.35
CA LEU B 26 -2.38 8.81 -5.93
C LEU B 26 -1.27 9.80 -5.62
N ASP B 27 -0.31 9.96 -6.54
CA ASP B 27 0.81 10.90 -6.35
C ASP B 27 0.30 12.29 -5.99
N TYR B 28 -0.88 12.65 -6.53
CA TYR B 28 -1.46 13.97 -6.32
C TYR B 28 -1.87 14.22 -4.87
N SER B 29 -2.12 13.17 -4.11
CA SER B 29 -2.39 13.33 -2.69
C SER B 29 -1.32 12.67 -1.84
N ARG B 30 -0.96 11.46 -2.24
CA ARG B 30 -0.09 10.59 -1.45
C ARG B 30 1.24 11.25 -1.15
N ARG B 31 1.70 12.08 -2.08
CA ARG B 31 2.99 12.72 -1.97
C ARG B 31 3.00 13.79 -0.87
N PHE B 32 1.82 14.19 -0.43
CA PHE B 32 1.70 15.16 0.67
C PHE B 32 1.25 14.46 1.94
N LEU B 33 0.84 13.21 1.80
CA LEU B 33 0.28 12.46 2.91
C LEU B 33 1.38 11.80 3.74
N GLU B 34 2.61 11.91 3.25
CA GLU B 34 3.79 11.35 3.93
C GLU B 34 3.83 11.67 5.43
N PRO B 35 3.72 12.95 5.83
CA PRO B 35 3.78 13.32 7.25
C PRO B 35 2.69 12.66 8.09
N PHE B 36 1.59 12.29 7.45
CA PHE B 36 0.50 11.60 8.14
C PHE B 36 0.79 10.10 8.19
N LEU B 37 1.29 9.56 7.08
CA LEU B 37 1.62 8.15 6.98
C LEU B 37 2.75 7.78 7.93
N ARG B 38 3.56 8.77 8.30
CA ARG B 38 4.68 8.56 9.20
C ARG B 38 4.20 8.17 10.59
N GLY B 39 4.12 6.88 10.85
CA GLY B 39 3.81 6.40 12.18
C GLY B 39 2.40 5.85 12.31
N ILE B 40 1.82 5.32 11.23
CA ILE B 40 0.48 4.74 11.32
C ILE B 40 0.58 3.23 11.49
N ASN B 41 -0.46 2.64 12.04
CA ASN B 41 -0.53 1.19 12.19
C ASN B 41 -1.57 0.64 11.22
N VAL B 42 -1.21 -0.39 10.47
CA VAL B 42 -2.13 -0.94 9.50
C VAL B 42 -2.09 -2.44 9.51
N VAL B 43 -3.24 -3.02 9.28
CA VAL B 43 -3.38 -4.46 9.18
C VAL B 43 -3.35 -4.86 7.72
N TYR B 44 -2.24 -5.40 7.28
CA TYR B 44 -2.09 -5.80 5.90
C TYR B 44 -2.66 -7.19 5.69
N THR B 45 -3.57 -7.30 4.74
CA THR B 45 -4.15 -8.58 4.38
C THR B 45 -3.40 -9.19 3.21
N PRO B 46 -2.55 -10.19 3.47
CA PRO B 46 -1.76 -10.84 2.43
C PRO B 46 -2.61 -11.71 1.54
N PRO B 47 -2.52 -11.50 0.22
CA PRO B 47 -3.23 -12.30 -0.77
C PRO B 47 -3.05 -13.80 -0.52
N GLN B 48 -4.11 -14.55 -0.81
CA GLN B 48 -4.14 -16.00 -0.56
C GLN B 48 -3.00 -16.72 -1.26
N SER B 49 -2.42 -16.06 -2.26
CA SER B 49 -1.30 -16.62 -3.01
C SER B 49 -0.04 -16.69 -2.13
N PHE B 50 -0.01 -15.90 -1.07
CA PHE B 50 1.13 -15.90 -0.15
C PHE B 50 0.87 -16.80 1.05
N GLN B 51 -0.39 -17.26 1.14
CA GLN B 51 -0.84 -18.16 2.20
C GLN B 51 -0.47 -17.63 3.59
N SER B 52 -0.60 -16.33 3.77
CA SER B 52 -0.23 -15.69 5.02
C SER B 52 -1.45 -15.08 5.71
N ALA B 53 -1.27 -14.67 6.96
CA ALA B 53 -2.36 -14.13 7.76
C ALA B 53 -2.21 -12.62 7.92
N PRO B 54 -3.32 -11.88 7.99
CA PRO B 54 -3.29 -10.42 8.17
C PRO B 54 -2.57 -10.00 9.44
N ARG B 55 -1.64 -9.06 9.30
CA ARG B 55 -0.80 -8.64 10.40
C ARG B 55 -0.58 -7.13 10.36
N VAL B 56 -0.32 -6.56 11.52
CA VAL B 56 -0.14 -5.12 11.65
C VAL B 56 1.31 -4.71 11.32
N TYR B 57 1.46 -3.54 10.72
CA TYR B 57 2.77 -2.99 10.41
C TYR B 57 2.84 -1.54 10.85
N ARG B 58 4.00 -1.12 11.31
CA ARG B 58 4.23 0.26 11.65
C ARG B 58 4.73 1.01 10.42
N VAL B 59 3.81 1.65 9.74
CA VAL B 59 4.13 2.43 8.55
C VAL B 59 4.99 3.62 8.92
N ASN B 60 6.20 3.66 8.39
CA ASN B 60 7.13 4.75 8.66
C ASN B 60 6.85 5.92 7.72
N GLY B 61 6.30 5.61 6.57
CA GLY B 61 5.92 6.64 5.63
C GLY B 61 5.61 6.09 4.27
N LEU B 62 6.11 6.73 3.23
CA LEU B 62 5.79 6.36 1.86
C LEU B 62 7.03 6.32 1.01
N SER B 63 6.94 5.64 -0.11
CA SER B 63 8.04 5.55 -1.05
C SER B 63 7.89 6.62 -2.13
N ARG B 64 8.96 6.85 -2.86
CA ARG B 64 9.02 7.96 -3.80
C ARG B 64 8.49 7.55 -5.18
N ALA B 65 8.21 6.26 -5.35
CA ALA B 65 7.74 5.75 -6.61
C ALA B 65 6.61 4.75 -6.43
N PRO B 66 5.59 4.81 -7.31
CA PRO B 66 4.47 3.86 -7.31
C PRO B 66 4.91 2.47 -7.74
N ALA B 67 4.15 1.46 -7.31
CA ALA B 67 4.51 0.05 -7.47
C ALA B 67 4.69 -0.36 -8.94
N SER B 68 4.05 0.37 -9.85
CA SER B 68 4.16 0.05 -11.27
C SER B 68 5.34 0.77 -11.90
N SER B 69 6.03 1.58 -11.10
CA SER B 69 7.17 2.34 -11.59
C SER B 69 8.40 2.07 -10.72
N GLU B 70 8.41 0.91 -10.09
CA GLU B 70 9.56 0.48 -9.30
C GLU B 70 9.90 -0.97 -9.63
N THR B 71 11.13 -1.19 -10.09
CA THR B 71 11.56 -2.52 -10.49
C THR B 71 12.59 -3.09 -9.51
N PHE B 72 12.53 -4.39 -9.30
CA PHE B 72 13.56 -5.08 -8.56
C PHE B 72 14.12 -6.21 -9.41
N GLU B 73 15.42 -6.42 -9.33
CA GLU B 73 16.09 -7.44 -10.13
C GLU B 73 16.07 -8.77 -9.40
N HIS B 74 15.26 -9.69 -9.90
CA HIS B 74 15.16 -11.01 -9.32
C HIS B 74 15.67 -12.05 -10.31
N ASP B 75 16.81 -12.65 -9.98
CA ASP B 75 17.41 -13.71 -10.80
C ASP B 75 17.76 -13.17 -12.18
N GLY B 76 18.31 -11.96 -12.22
CA GLY B 76 18.74 -11.37 -13.48
C GLY B 76 17.60 -10.80 -14.29
N LYS B 77 16.43 -10.67 -13.69
CA LYS B 77 15.26 -10.17 -14.40
C LYS B 77 14.65 -8.98 -13.67
N LYS B 78 14.30 -7.95 -14.43
CA LYS B 78 13.68 -6.76 -13.85
C LYS B 78 12.16 -6.90 -13.86
N VAL B 79 11.57 -6.93 -12.69
CA VAL B 79 10.14 -6.99 -12.55
C VAL B 79 9.69 -5.94 -11.53
N THR B 80 8.52 -5.34 -11.74
CA THR B 80 8.04 -4.29 -10.86
C THR B 80 7.32 -4.87 -9.66
N ILE B 81 7.16 -4.07 -8.61
CA ILE B 81 6.42 -4.52 -7.43
C ILE B 81 5.00 -4.92 -7.84
N ALA B 82 4.39 -4.11 -8.69
CA ALA B 82 3.03 -4.38 -9.17
C ALA B 82 2.99 -5.68 -9.96
N SER B 83 3.97 -5.88 -10.85
CA SER B 83 4.05 -7.10 -11.64
C SER B 83 4.33 -8.32 -10.76
N TYR B 84 4.97 -8.11 -9.62
CA TYR B 84 5.20 -9.20 -8.66
C TYR B 84 3.87 -9.71 -8.12
N PHE B 85 3.01 -8.78 -7.70
CA PHE B 85 1.67 -9.14 -7.24
C PHE B 85 0.84 -9.66 -8.40
N HIS B 86 1.00 -9.05 -9.58
CA HIS B 86 0.33 -9.48 -10.80
C HIS B 86 0.69 -10.94 -11.11
N SER B 87 1.93 -11.31 -10.82
CA SER B 87 2.39 -12.68 -11.00
C SER B 87 1.67 -13.61 -10.04
N ARG B 88 1.17 -13.06 -8.93
CA ARG B 88 0.46 -13.85 -7.94
C ARG B 88 -1.04 -13.74 -8.17
N ASN B 89 -1.42 -13.43 -9.41
CA ASN B 89 -2.82 -13.32 -9.82
C ASN B 89 -3.50 -12.12 -9.15
N TYR B 90 -2.70 -11.11 -8.85
CA TYR B 90 -3.22 -9.93 -8.18
C TYR B 90 -2.83 -8.65 -8.90
N PRO B 91 -3.58 -8.28 -9.95
CA PRO B 91 -3.37 -7.02 -10.64
C PRO B 91 -4.10 -5.88 -9.94
N LEU B 92 -3.34 -4.96 -9.37
CA LEU B 92 -3.90 -3.83 -8.64
C LEU B 92 -4.67 -2.90 -9.59
N LYS B 93 -5.82 -2.42 -9.12
CA LYS B 93 -6.64 -1.52 -9.92
C LYS B 93 -5.99 -0.15 -10.02
N PHE B 94 -5.10 0.12 -9.08
CA PHE B 94 -4.42 1.41 -9.01
C PHE B 94 -2.91 1.18 -8.89
N PRO B 95 -2.26 0.71 -9.96
CA PRO B 95 -0.82 0.41 -9.94
C PRO B 95 0.02 1.67 -9.76
N GLN B 96 -0.61 2.83 -9.91
CA GLN B 96 0.06 4.11 -9.75
C GLN B 96 -0.02 4.59 -8.30
N LEU B 97 -0.35 3.69 -7.38
CA LEU B 97 -0.40 4.06 -5.98
C LEU B 97 0.99 4.00 -5.37
N HIS B 98 1.28 4.96 -4.51
CA HIS B 98 2.54 4.98 -3.78
C HIS B 98 2.43 4.08 -2.57
N CYS B 99 3.14 2.97 -2.63
CA CYS B 99 3.14 1.98 -1.57
C CYS B 99 3.68 2.55 -0.27
N LEU B 100 3.27 1.96 0.84
CA LEU B 100 3.68 2.42 2.15
C LEU B 100 5.06 1.87 2.46
N ASN B 101 5.97 2.74 2.82
CA ASN B 101 7.28 2.32 3.26
C ASN B 101 7.18 1.85 4.70
N VAL B 102 7.10 0.56 4.84
CA VAL B 102 6.82 -0.06 6.12
C VAL B 102 7.88 -1.10 6.45
N GLY B 103 7.54 -1.93 7.41
CA GLY B 103 8.42 -3.01 7.81
C GLY B 103 9.55 -2.57 8.72
N SER B 104 10.20 -3.54 9.30
CA SER B 104 11.41 -3.31 10.06
C SER B 104 12.55 -2.99 9.10
N SER B 105 13.50 -2.17 9.56
CA SER B 105 14.53 -1.64 8.68
C SER B 105 15.48 -2.71 8.17
N ILE B 106 15.27 -3.96 8.58
CA ILE B 106 16.03 -5.07 8.04
C ILE B 106 15.57 -5.38 6.61
N LYS B 107 14.27 -5.28 6.37
CA LYS B 107 13.72 -5.39 5.05
C LYS B 107 12.80 -4.20 4.77
N SER B 108 13.27 -3.27 3.96
CA SER B 108 12.47 -2.11 3.60
C SER B 108 11.38 -2.53 2.62
N ILE B 109 10.15 -2.55 3.10
CA ILE B 109 9.07 -3.10 2.30
C ILE B 109 8.03 -2.05 1.95
N LEU B 110 7.69 -2.00 0.67
CA LEU B 110 6.65 -1.11 0.16
C LEU B 110 5.36 -1.90 0.02
N LEU B 111 4.33 -1.51 0.76
CA LEU B 111 3.07 -2.27 0.73
C LEU B 111 2.00 -1.51 -0.03
N PRO B 112 1.29 -2.19 -0.95
CA PRO B 112 0.22 -1.58 -1.73
C PRO B 112 -0.95 -1.15 -0.84
N ILE B 113 -1.19 0.15 -0.77
CA ILE B 113 -2.21 0.72 0.11
C ILE B 113 -3.60 0.13 -0.20
N GLU B 114 -3.78 -0.37 -1.41
CA GLU B 114 -5.01 -1.07 -1.81
C GLU B 114 -5.28 -2.27 -0.90
N LEU B 115 -4.23 -2.96 -0.49
CA LEU B 115 -4.37 -4.21 0.24
C LEU B 115 -4.09 -4.04 1.73
N CYS B 116 -4.02 -2.80 2.18
CA CYS B 116 -3.78 -2.54 3.58
C CYS B 116 -5.05 -2.02 4.25
N SER B 117 -5.26 -2.39 5.49
CA SER B 117 -6.46 -1.99 6.21
C SER B 117 -6.06 -1.25 7.47
N ILE B 118 -6.27 0.04 7.46
CA ILE B 118 -5.91 0.88 8.58
C ILE B 118 -7.04 0.87 9.58
N GLU B 119 -6.82 0.24 10.72
CA GLU B 119 -7.83 0.26 11.76
C GLU B 119 -7.87 1.67 12.34
N GLU B 120 -9.07 2.24 12.37
CA GLU B 120 -9.27 3.66 12.68
C GLU B 120 -8.60 4.11 13.98
N GLY B 121 -8.29 3.16 14.85
CA GLY B 121 -7.51 3.46 16.03
C GLY B 121 -8.35 4.01 17.16
N GLN B 122 -9.65 4.12 16.95
CA GLN B 122 -10.55 4.59 17.99
C GLN B 122 -10.65 3.53 19.08
N ALA B 123 -10.29 2.30 18.73
CA ALA B 123 -10.26 1.19 19.68
C ALA B 123 -8.96 0.42 19.51
#